data_8WTB
#
_entry.id   8WTB
#
_cell.length_a   179.869
_cell.length_b   75.590
_cell.length_c   79.190
_cell.angle_alpha   90.00
_cell.angle_beta   99.78
_cell.angle_gamma   90.00
#
_symmetry.space_group_name_H-M   'C 1 2 1'
#
loop_
_entity.id
_entity.type
_entity.pdbx_description
1 polymer 'Protein-arginine kinase'
2 polymer 'Protein-arginine kinase activator protein'
3 non-polymer 'ZINC ION'
#
loop_
_entity_poly.entity_id
_entity_poly.type
_entity_poly.pdbx_seq_one_letter_code
_entity_poly.pdbx_strand_id
1 'polypeptide(L)'
;GS(MSE)SLKHFIQDALSSW(MSE)KQKGPESDIVLSSRIRLARNFEHIRFPTRYSNEEASSIIQQFEDQFSEQEIPGIG
KFVLIR(MSE)NDAQPLEKRVLVEKHLISPNLTESPFGGCLLSENEEVSV(MSE)LNEEDHIRIQCLFPGFQLLEA
(MSE)KAANQVDDWIEEKVDYAFNEQRGYLTSCPTNVGTGLRASV(MSE)(MSE)HLPALVLTRQINRIIPAINQLGLVV
RGIYGEGSEAVGNIFQISNQITLGKSEQDIVEDLNSVAAQLIEQERSAREAIYQTSKIELEDRVYRSYGVLSNCR(MSE)
IESKETAKCLSDVRLGIDLGIIKGLSSNILNEL(MSE)ILTQPGFLQQYSGGALRPNERDIRRAALIRERLHLE(MSE)N
GKRQEDESI
;
A,C
2 'polypeptide(L)'
;GSMICQECHERPATFHFTKVVNGEKIEVHICEQCAKENSDSYGISANQGFSIHNLLSGLLNMDSSFQNAGTQMFSHSEQI
SACPKCGMTFQQFRKIGRFGCSECYKTFHSNITPILRKVHSGNTVHAGKIPKRIGGNLHVRRQIDMLKKELESLIHQEEF
ENAAHVRDQIRLLEQSLKSTDSEEEQE
;
B,D
#
loop_
_chem_comp.id
_chem_comp.type
_chem_comp.name
_chem_comp.formula
ZN non-polymer 'ZINC ION' 'Zn 2'
#
# COMPACT_ATOMS: atom_id res chain seq x y z
N LYS A 20 15.41 0.12 -13.35
CA LYS A 20 15.16 1.48 -12.87
C LYS A 20 15.45 1.59 -11.37
N GLY A 21 14.73 2.50 -10.69
CA GLY A 21 14.93 2.80 -9.29
C GLY A 21 15.62 4.14 -9.09
N PRO A 22 15.39 4.73 -7.90
CA PRO A 22 15.94 6.08 -7.59
C PRO A 22 17.39 6.31 -7.97
N GLU A 23 18.29 5.41 -7.55
CA GLU A 23 19.68 5.53 -7.92
C GLU A 23 20.06 4.37 -8.82
N SER A 24 19.31 4.20 -9.92
CA SER A 24 19.50 3.06 -10.81
C SER A 24 20.97 2.84 -11.17
N ASP A 25 21.81 3.87 -11.03
CA ASP A 25 23.21 3.80 -11.43
C ASP A 25 24.08 3.16 -10.36
N ILE A 26 23.74 3.37 -9.08
CA ILE A 26 24.62 3.04 -7.96
C ILE A 26 24.17 1.78 -7.26
N VAL A 27 22.91 1.76 -6.86
CA VAL A 27 22.37 0.66 -6.07
C VAL A 27 21.39 -0.13 -6.94
N LEU A 28 21.68 -1.41 -7.09
CA LEU A 28 20.90 -2.24 -8.00
C LEU A 28 19.58 -2.66 -7.38
N SER A 29 19.48 -2.79 -6.05
CA SER A 29 18.26 -3.26 -5.40
C SER A 29 18.36 -3.05 -3.90
N SER A 30 17.20 -3.03 -3.27
CA SER A 30 17.05 -2.94 -1.83
C SER A 30 16.13 -4.07 -1.41
N ARG A 31 16.60 -4.91 -0.48
CA ARG A 31 15.87 -6.11 -0.11
C ARG A 31 15.52 -6.07 1.37
N ILE A 32 14.32 -6.53 1.69
CA ILE A 32 13.86 -6.68 3.06
C ILE A 32 13.36 -8.11 3.22
N ARG A 33 13.79 -8.77 4.29
CA ARG A 33 13.41 -10.16 4.51
C ARG A 33 12.99 -10.34 5.96
N LEU A 34 11.74 -10.78 6.17
CA LEU A 34 11.16 -11.02 7.48
C LEU A 34 10.89 -12.51 7.63
N ALA A 35 11.61 -13.16 8.55
CA ALA A 35 11.35 -14.56 8.87
C ALA A 35 10.31 -14.66 9.97
N ARG A 36 9.28 -15.49 9.75
CA ARG A 36 8.24 -15.75 10.73
C ARG A 36 8.07 -17.25 10.88
N ASN A 37 7.43 -17.64 11.99
CA ASN A 37 7.09 -19.03 12.24
C ASN A 37 5.72 -19.10 12.89
N PHE A 38 4.97 -20.16 12.59
CA PHE A 38 3.72 -20.41 13.29
C PHE A 38 4.01 -20.74 14.75
N GLU A 39 3.25 -20.16 15.68
CA GLU A 39 3.47 -20.46 17.09
C GLU A 39 3.25 -21.94 17.39
N HIS A 40 2.08 -22.44 17.00
CA HIS A 40 1.58 -23.75 17.39
C HIS A 40 1.96 -24.88 16.43
N ILE A 41 2.84 -24.64 15.47
CA ILE A 41 3.36 -25.68 14.60
C ILE A 41 4.85 -25.78 14.83
N ARG A 42 5.36 -27.01 14.94
CA ARG A 42 6.80 -27.15 15.10
C ARG A 42 7.52 -26.47 13.96
N PHE A 43 8.76 -26.04 14.21
CA PHE A 43 9.58 -25.39 13.18
C PHE A 43 10.00 -26.45 12.14
N PRO A 44 10.52 -26.04 10.98
CA PRO A 44 10.79 -27.01 9.89
C PRO A 44 11.89 -28.00 10.21
N THR A 45 12.57 -27.84 11.34
CA THR A 45 13.59 -28.77 11.78
C THR A 45 12.98 -30.01 12.39
N ARG A 46 11.76 -29.89 12.93
CA ARG A 46 11.11 -31.00 13.63
C ARG A 46 9.72 -31.31 13.11
N TYR A 47 9.15 -30.51 12.24
CA TYR A 47 7.73 -30.66 11.98
C TYR A 47 7.48 -31.82 11.01
N SER A 48 6.26 -32.33 11.06
CA SER A 48 5.89 -33.46 10.25
C SER A 48 5.45 -33.00 8.89
N ASN A 49 5.30 -33.96 7.98
CA ASN A 49 4.84 -33.64 6.64
C ASN A 49 3.41 -33.15 6.68
N GLU A 50 2.58 -33.72 7.55
CA GLU A 50 1.21 -33.22 7.68
C GLU A 50 1.22 -31.77 8.06
N GLU A 51 2.04 -31.39 9.04
CA GLU A 51 2.13 -29.99 9.45
C GLU A 51 2.59 -29.11 8.27
N ALA A 52 3.56 -29.58 7.50
CA ALA A 52 4.03 -28.79 6.36
C ALA A 52 2.93 -28.59 5.34
N SER A 53 2.29 -29.68 4.91
CA SER A 53 1.26 -29.55 3.89
C SER A 53 0.12 -28.71 4.41
N SER A 54 -0.11 -28.71 5.73
CA SER A 54 -1.22 -27.94 6.25
C SER A 54 -0.90 -26.46 6.23
N ILE A 55 0.35 -26.10 6.50
CA ILE A 55 0.74 -24.68 6.41
C ILE A 55 0.48 -24.18 5.01
N ILE A 56 1.00 -24.90 4.01
CA ILE A 56 0.82 -24.43 2.65
C ILE A 56 -0.67 -24.46 2.24
N GLN A 57 -1.46 -25.39 2.81
CA GLN A 57 -2.89 -25.41 2.51
C GLN A 57 -3.59 -24.20 3.09
N GLN A 58 -3.22 -23.80 4.31
CA GLN A 58 -3.84 -22.62 4.92
C GLN A 58 -3.53 -21.39 4.11
N PHE A 59 -2.30 -21.30 3.59
CA PHE A 59 -1.94 -20.15 2.77
C PHE A 59 -2.74 -20.16 1.48
N GLU A 60 -2.87 -21.33 0.85
CA GLU A 60 -3.65 -21.40 -0.39
C GLU A 60 -5.09 -20.99 -0.14
N ASP A 61 -5.64 -21.34 1.02
CA ASP A 61 -7.05 -21.08 1.21
C ASP A 61 -7.35 -19.62 1.53
N GLN A 62 -6.52 -18.95 2.34
CA GLN A 62 -6.89 -17.59 2.72
C GLN A 62 -6.00 -16.51 2.15
N PHE A 63 -5.06 -16.84 1.27
CA PHE A 63 -4.27 -15.78 0.66
C PHE A 63 -4.04 -15.99 -0.82
N SER A 64 -4.48 -17.10 -1.40
CA SER A 64 -3.96 -17.43 -2.72
C SER A 64 -4.51 -16.54 -3.79
N GLU A 65 -5.74 -16.10 -3.66
CA GLU A 65 -6.28 -15.24 -4.68
C GLU A 65 -6.83 -13.99 -4.02
N GLN A 66 -6.05 -13.45 -3.11
CA GLN A 66 -6.46 -12.28 -2.38
C GLN A 66 -5.53 -11.13 -2.72
N GLU A 67 -6.06 -9.93 -2.58
CA GLU A 67 -5.35 -8.69 -2.87
C GLU A 67 -4.97 -8.00 -1.56
N ILE A 68 -3.88 -7.27 -1.60
CA ILE A 68 -3.59 -6.29 -0.55
C ILE A 68 -3.46 -4.96 -1.29
N PRO A 69 -4.38 -4.02 -1.08
CA PRO A 69 -4.37 -2.78 -1.84
C PRO A 69 -3.03 -2.08 -1.79
N GLY A 70 -2.63 -1.52 -2.93
CA GLY A 70 -1.33 -0.94 -3.14
C GLY A 70 -0.29 -1.91 -3.68
N ILE A 71 -0.43 -3.20 -3.36
CA ILE A 71 0.58 -4.20 -3.66
C ILE A 71 0.08 -5.23 -4.68
N GLY A 72 -1.19 -5.59 -4.63
CA GLY A 72 -1.77 -6.34 -5.69
C GLY A 72 -2.24 -7.74 -5.32
N LYS A 73 -2.42 -8.53 -6.37
CA LYS A 73 -2.94 -9.88 -6.26
C LYS A 73 -1.79 -10.82 -5.91
N PHE A 74 -1.99 -11.66 -4.92
CA PHE A 74 -1.05 -12.74 -4.65
C PHE A 74 -1.53 -14.03 -5.27
N VAL A 75 -0.58 -14.88 -5.63
CA VAL A 75 -0.88 -16.20 -6.17
C VAL A 75 0.09 -17.19 -5.57
N LEU A 76 -0.42 -18.33 -5.17
CA LEU A 76 0.43 -19.32 -4.53
C LEU A 76 0.97 -20.26 -5.59
N ILE A 77 2.30 -20.35 -5.68
CA ILE A 77 2.98 -21.32 -6.50
C ILE A 77 3.51 -22.40 -5.58
N ARG A 78 2.91 -23.59 -5.63
CA ARG A 78 3.43 -24.74 -4.91
C ARG A 78 4.53 -25.44 -5.70
N MSE A 79 5.55 -25.88 -4.99
CA MSE A 79 6.67 -26.56 -5.62
C MSE A 79 6.27 -27.88 -6.33
O MSE A 79 6.73 -28.17 -7.43
CB MSE A 79 7.72 -26.83 -4.56
CG MSE A 79 9.10 -26.41 -4.95
SE MSE A 79 8.86 -24.47 -5.10
CE MSE A 79 10.12 -23.97 -6.47
N ASN A 80 5.39 -28.65 -5.70
CA ASN A 80 5.02 -29.95 -6.25
C ASN A 80 4.44 -29.79 -7.66
N ASP A 81 3.69 -28.74 -7.87
CA ASP A 81 2.97 -28.56 -9.12
C ASP A 81 3.76 -27.74 -10.12
N ALA A 82 4.91 -27.18 -9.76
CA ALA A 82 5.66 -26.32 -10.66
C ALA A 82 6.45 -27.11 -11.70
N GLN A 83 6.53 -26.55 -12.90
CA GLN A 83 7.45 -27.07 -13.90
C GLN A 83 8.90 -26.83 -13.44
N PRO A 84 9.79 -27.78 -13.65
CA PRO A 84 11.18 -27.56 -13.23
C PRO A 84 11.80 -26.32 -13.83
N LEU A 85 11.49 -25.98 -15.08
CA LEU A 85 12.04 -24.74 -15.63
C LEU A 85 11.39 -23.53 -15.00
N GLU A 86 10.13 -23.65 -14.56
CA GLU A 86 9.50 -22.59 -13.79
C GLU A 86 10.23 -22.38 -12.47
N LYS A 87 10.60 -23.48 -11.81
CA LYS A 87 11.43 -23.39 -10.61
C LYS A 87 12.75 -22.70 -10.91
N ARG A 88 13.33 -23.03 -12.06
CA ARG A 88 14.56 -22.37 -12.51
C ARG A 88 14.39 -20.86 -12.56
N VAL A 89 13.27 -20.40 -13.13
CA VAL A 89 13.05 -18.96 -13.30
C VAL A 89 12.92 -18.28 -11.93
N LEU A 90 12.08 -18.83 -11.05
CA LEU A 90 11.95 -18.27 -9.70
C LEU A 90 13.29 -18.21 -8.98
N VAL A 91 14.13 -19.24 -9.12
CA VAL A 91 15.44 -19.20 -8.46
C VAL A 91 16.29 -18.07 -9.01
N GLU A 92 16.31 -17.91 -10.33
CA GLU A 92 17.22 -16.93 -10.91
C GLU A 92 16.73 -15.50 -10.70
N LYS A 93 15.45 -15.32 -10.36
CA LYS A 93 14.92 -14.04 -9.95
C LYS A 93 15.03 -13.81 -8.45
N HIS A 94 15.67 -14.74 -7.72
CA HIS A 94 15.84 -14.66 -6.27
C HIS A 94 14.52 -14.69 -5.51
N LEU A 95 13.46 -15.15 -6.14
CA LEU A 95 12.21 -15.29 -5.41
C LEU A 95 12.25 -16.49 -4.50
N ILE A 96 13.06 -17.49 -4.81
CA ILE A 96 13.19 -18.69 -3.98
C ILE A 96 14.64 -19.15 -4.00
N SER A 97 15.05 -19.74 -2.93
CA SER A 97 16.33 -20.36 -2.73
C SER A 97 16.32 -21.74 -3.36
N PRO A 98 17.49 -22.22 -3.82
CA PRO A 98 17.54 -23.55 -4.46
C PRO A 98 17.05 -24.70 -3.60
N ASN A 99 17.31 -24.72 -2.28
CA ASN A 99 16.87 -25.85 -1.47
C ASN A 99 15.40 -26.11 -1.68
N LEU A 100 14.64 -25.03 -1.89
CA LEU A 100 13.19 -25.13 -1.97
C LEU A 100 12.73 -25.88 -3.22
N THR A 101 13.50 -25.84 -4.33
CA THR A 101 13.01 -26.43 -5.58
C THR A 101 12.73 -27.93 -5.44
N GLU A 102 13.49 -28.62 -4.60
CA GLU A 102 13.35 -30.05 -4.40
C GLU A 102 12.54 -30.38 -3.15
N SER A 103 12.23 -29.39 -2.32
CA SER A 103 11.25 -29.61 -1.30
C SER A 103 9.90 -29.93 -1.93
N PRO A 104 9.20 -30.94 -1.44
CA PRO A 104 7.89 -31.29 -2.00
C PRO A 104 6.73 -30.53 -1.36
N PHE A 105 7.06 -29.55 -0.52
CA PHE A 105 6.09 -28.89 0.32
C PHE A 105 6.30 -27.39 0.39
N GLY A 106 7.37 -26.88 -0.21
CA GLY A 106 7.62 -25.46 -0.18
C GLY A 106 6.71 -24.71 -1.12
N GLY A 107 6.71 -23.41 -0.97
CA GLY A 107 5.81 -22.61 -1.77
C GLY A 107 6.31 -21.19 -1.90
N CYS A 108 5.74 -20.49 -2.86
CA CYS A 108 6.06 -19.08 -3.05
C CYS A 108 4.76 -18.35 -3.38
N LEU A 109 4.31 -17.48 -2.48
CA LEU A 109 3.18 -16.60 -2.75
C LEU A 109 3.68 -15.30 -3.36
N LEU A 110 3.47 -15.13 -4.66
CA LEU A 110 4.00 -14.01 -5.41
C LEU A 110 2.91 -12.96 -5.67
N SER A 111 3.29 -11.69 -5.63
CA SER A 111 2.43 -10.64 -6.15
C SER A 111 2.57 -10.58 -7.67
N GLU A 112 1.50 -10.18 -8.37
CA GLU A 112 1.62 -10.06 -9.80
C GLU A 112 2.70 -9.05 -10.16
N ASN A 113 2.88 -8.04 -9.31
CA ASN A 113 4.04 -7.17 -9.40
C ASN A 113 5.35 -7.94 -9.46
N GLU A 114 5.48 -8.99 -8.63
CA GLU A 114 6.65 -9.86 -8.44
C GLU A 114 7.69 -9.20 -7.53
N GLU A 115 7.43 -8.01 -7.01
CA GLU A 115 8.45 -7.40 -6.16
C GLU A 115 8.40 -7.97 -4.76
N VAL A 116 7.24 -8.35 -4.26
CA VAL A 116 7.10 -8.87 -2.91
C VAL A 116 6.63 -10.32 -3.00
N SER A 117 7.35 -11.19 -2.33
CA SER A 117 7.11 -12.61 -2.37
C SER A 117 7.09 -13.14 -0.96
N VAL A 118 6.44 -14.27 -0.77
CA VAL A 118 6.37 -14.88 0.54
C VAL A 118 6.71 -16.33 0.32
N MSE A 119 7.93 -16.71 0.71
CA MSE A 119 8.36 -18.10 0.74
C MSE A 119 7.84 -18.91 1.91
O MSE A 119 7.92 -18.43 3.03
CB MSE A 119 9.86 -18.14 0.75
CG MSE A 119 10.40 -19.53 0.61
SE MSE A 119 12.44 -19.38 0.41
CE MSE A 119 12.94 -20.49 -0.95
N LEU A 120 7.35 -20.12 1.67
CA LEU A 120 6.79 -20.94 2.73
C LEU A 120 7.53 -22.27 2.83
N ASN A 121 7.69 -22.74 4.06
CA ASN A 121 8.21 -24.08 4.36
C ASN A 121 9.65 -24.26 3.87
N GLU A 122 10.51 -23.33 4.22
CA GLU A 122 11.94 -23.43 3.94
C GLU A 122 12.69 -23.54 5.27
N GLU A 123 13.69 -22.69 5.56
CA GLU A 123 14.33 -22.70 6.87
C GLU A 123 13.33 -22.36 7.97
N ASP A 124 12.46 -21.38 7.73
CA ASP A 124 11.36 -21.02 8.61
C ASP A 124 10.03 -21.27 7.90
N HIS A 125 8.92 -21.21 8.64
CA HIS A 125 7.61 -21.41 8.02
C HIS A 125 7.33 -20.34 6.97
N ILE A 126 7.67 -19.09 7.29
CA ILE A 126 7.31 -17.95 6.47
C ILE A 126 8.56 -17.09 6.29
N ARG A 127 8.79 -16.62 5.08
CA ARG A 127 9.79 -15.58 4.88
C ARG A 127 9.26 -14.59 3.86
N ILE A 128 8.96 -13.38 4.33
CA ILE A 128 8.47 -12.29 3.52
C ILE A 128 9.67 -11.60 2.90
N GLN A 129 9.62 -11.39 1.59
CA GLN A 129 10.71 -10.76 0.88
C GLN A 129 10.15 -9.62 0.05
N CYS A 130 10.87 -8.51 0.08
CA CYS A 130 10.59 -7.33 -0.73
C CYS A 130 11.87 -7.00 -1.46
N LEU A 131 11.89 -7.16 -2.77
CA LEU A 131 13.06 -6.85 -3.56
C LEU A 131 12.67 -5.68 -4.45
N PHE A 132 13.25 -4.51 -4.21
CA PHE A 132 12.89 -3.35 -4.99
C PHE A 132 14.12 -2.91 -5.78
N PRO A 133 13.94 -2.19 -6.90
CA PRO A 133 15.07 -2.00 -7.82
C PRO A 133 16.03 -0.90 -7.43
N GLY A 134 15.57 0.19 -6.86
CA GLY A 134 16.55 1.25 -6.70
C GLY A 134 17.13 1.31 -5.31
N PHE A 135 17.36 2.52 -4.86
CA PHE A 135 17.62 2.81 -3.45
C PHE A 135 16.27 3.10 -2.85
N GLN A 136 15.60 2.06 -2.38
CA GLN A 136 14.30 2.29 -1.75
C GLN A 136 14.11 1.34 -0.57
N LEU A 137 14.92 1.52 0.45
CA LEU A 137 14.81 0.66 1.63
C LEU A 137 13.48 0.86 2.33
N LEU A 138 13.09 2.13 2.60
CA LEU A 138 11.96 2.33 3.50
C LEU A 138 10.64 1.95 2.84
N GLU A 139 10.53 2.13 1.51
CA GLU A 139 9.36 1.60 0.81
C GLU A 139 9.27 0.09 0.98
N ALA A 140 10.38 -0.59 0.68
CA ALA A 140 10.45 -2.04 0.86
C ALA A 140 10.03 -2.44 2.26
N MSE A 141 10.53 -1.72 3.27
CA MSE A 141 10.16 -2.03 4.64
C MSE A 141 8.66 -1.90 4.82
O MSE A 141 8.03 -2.78 5.42
CB MSE A 141 10.88 -1.12 5.62
CG MSE A 141 10.50 -1.47 7.07
SE MSE A 141 11.51 -3.08 7.62
CE MSE A 141 10.21 -4.14 8.65
N LYS A 142 8.11 -0.79 4.29
CA LYS A 142 6.69 -0.52 4.42
C LYS A 142 5.85 -1.65 3.84
N ALA A 143 6.28 -2.18 2.68
CA ALA A 143 5.54 -3.26 2.04
C ALA A 143 5.69 -4.57 2.80
N ALA A 144 6.91 -4.87 3.29
CA ALA A 144 7.07 -6.08 4.11
C ALA A 144 6.18 -6.01 5.34
N ASN A 145 6.10 -4.82 5.96
CA ASN A 145 5.21 -4.62 7.11
C ASN A 145 3.75 -4.82 6.75
N GLN A 146 3.31 -4.26 5.62
CA GLN A 146 1.95 -4.49 5.18
C GLN A 146 1.67 -5.98 5.04
N VAL A 147 2.53 -6.69 4.29
CA VAL A 147 2.39 -8.12 4.11
C VAL A 147 2.35 -8.83 5.44
N ASP A 148 3.29 -8.47 6.34
CA ASP A 148 3.37 -9.06 7.67
C ASP A 148 2.07 -8.91 8.44
N ASP A 149 1.57 -7.68 8.51
CA ASP A 149 0.29 -7.41 9.17
C ASP A 149 -0.84 -8.23 8.54
N TRP A 150 -0.81 -8.36 7.22
CA TRP A 150 -1.86 -9.07 6.50
C TRP A 150 -1.84 -10.56 6.87
N ILE A 151 -0.66 -11.17 6.88
CA ILE A 151 -0.57 -12.58 7.24
C ILE A 151 -0.91 -12.75 8.71
N GLU A 152 -0.47 -11.80 9.53
CA GLU A 152 -0.62 -11.96 10.97
C GLU A 152 -2.08 -11.88 11.42
N GLU A 153 -2.99 -11.41 10.58
CA GLU A 153 -4.37 -11.44 11.04
C GLU A 153 -5.00 -12.81 10.88
N LYS A 154 -4.26 -13.78 10.34
CA LYS A 154 -4.74 -15.15 10.23
C LYS A 154 -3.77 -16.17 10.80
N VAL A 155 -2.61 -15.75 11.30
CA VAL A 155 -1.57 -16.68 11.72
C VAL A 155 -1.02 -16.24 13.06
N ASP A 156 -1.23 -17.06 14.09
CA ASP A 156 -0.62 -16.83 15.41
C ASP A 156 0.90 -16.98 15.25
N TYR A 157 1.63 -15.86 15.27
CA TYR A 157 3.08 -15.91 15.06
C TYR A 157 3.81 -16.41 16.30
N ALA A 158 4.87 -17.18 16.07
CA ALA A 158 5.77 -17.61 17.13
C ALA A 158 6.48 -16.39 17.71
N PHE A 159 5.92 -15.84 18.79
CA PHE A 159 6.44 -14.60 19.38
C PHE A 159 6.49 -14.76 20.89
N ASN A 160 7.39 -14.00 21.50
CA ASN A 160 7.73 -14.13 22.91
C ASN A 160 8.25 -12.77 23.34
N GLU A 161 7.87 -12.33 24.55
CA GLU A 161 8.05 -10.94 24.92
C GLU A 161 9.51 -10.59 25.12
N GLN A 162 10.31 -11.53 25.62
CA GLN A 162 11.71 -11.18 25.83
C GLN A 162 12.51 -11.28 24.54
N ARG A 163 12.21 -12.29 23.71
CA ARG A 163 13.05 -12.58 22.55
C ARG A 163 12.50 -12.00 21.25
N GLY A 164 11.21 -11.76 21.16
CA GLY A 164 10.71 -11.23 19.91
C GLY A 164 10.17 -12.29 18.97
N TYR A 165 10.44 -12.11 17.70
CA TYR A 165 9.96 -13.06 16.72
C TYR A 165 10.89 -14.27 16.72
N LEU A 166 10.32 -15.46 16.77
CA LEU A 166 11.08 -16.67 17.04
C LEU A 166 11.44 -17.36 15.73
N THR A 167 12.72 -17.68 15.56
CA THR A 167 13.22 -18.18 14.29
C THR A 167 13.99 -19.49 14.47
N SER A 168 14.16 -20.22 13.37
CA SER A 168 14.86 -21.50 13.45
C SER A 168 16.29 -21.30 13.89
N CYS A 169 17.08 -20.53 13.11
CA CYS A 169 18.44 -20.19 13.48
C CYS A 169 18.42 -19.12 14.57
N PRO A 170 19.42 -19.14 15.47
CA PRO A 170 19.49 -18.08 16.50
C PRO A 170 19.99 -16.79 15.94
N THR A 171 20.57 -16.81 14.74
CA THR A 171 21.10 -15.60 14.15
C THR A 171 20.01 -14.68 13.61
N ASN A 172 18.75 -15.11 13.59
CA ASN A 172 17.65 -14.28 13.11
C ASN A 172 16.65 -13.87 14.17
N VAL A 173 16.81 -14.29 15.42
CA VAL A 173 15.72 -14.09 16.37
C VAL A 173 15.55 -12.59 16.65
N GLY A 174 14.33 -12.19 16.97
CA GLY A 174 14.08 -10.83 17.41
C GLY A 174 13.21 -10.01 16.46
N THR A 175 13.85 -9.21 15.61
CA THR A 175 13.11 -8.56 14.56
C THR A 175 12.86 -9.50 13.39
N GLY A 176 13.60 -10.61 13.31
CA GLY A 176 13.45 -11.52 12.19
C GLY A 176 13.77 -10.89 10.87
N LEU A 177 14.41 -9.73 10.89
CA LEU A 177 14.55 -8.88 9.73
C LEU A 177 15.98 -8.91 9.23
N ARG A 178 16.16 -9.26 7.97
CA ARG A 178 17.41 -9.03 7.25
C ARG A 178 17.17 -7.95 6.20
N ALA A 179 17.96 -6.87 6.26
CA ALA A 179 17.91 -5.79 5.30
C ALA A 179 19.23 -5.71 4.57
N SER A 180 19.15 -5.59 3.25
CA SER A 180 20.29 -5.67 2.36
C SER A 180 20.15 -4.61 1.27
N VAL A 181 21.30 -4.17 0.77
CA VAL A 181 21.38 -3.26 -0.36
C VAL A 181 22.54 -3.70 -1.25
N MSE A 182 22.27 -3.74 -2.55
CA MSE A 182 23.22 -4.13 -3.58
C MSE A 182 23.82 -2.89 -4.22
O MSE A 182 23.07 -2.07 -4.74
CB MSE A 182 22.48 -4.91 -4.64
CG MSE A 182 22.28 -6.37 -4.39
SE MSE A 182 23.76 -7.42 -5.07
CE MSE A 182 22.72 -9.00 -5.61
N MSE A 183 25.15 -2.77 -4.26
CA MSE A 183 25.75 -1.53 -4.77
C MSE A 183 26.87 -1.76 -5.77
O MSE A 183 27.71 -2.67 -5.58
CB MSE A 183 26.28 -0.70 -3.63
CG MSE A 183 25.18 -0.32 -2.69
SE MSE A 183 25.69 1.20 -1.67
CE MSE A 183 25.93 0.38 0.02
N HIS A 184 26.88 -0.95 -6.82
CA HIS A 184 27.92 -1.01 -7.84
C HIS A 184 28.85 0.17 -7.60
N LEU A 185 30.02 -0.10 -7.06
CA LEU A 185 30.97 0.94 -6.66
C LEU A 185 32.25 0.79 -7.47
N PRO A 186 32.21 1.04 -8.78
CA PRO A 186 33.44 0.93 -9.57
C PRO A 186 34.46 2.00 -9.20
N ALA A 187 33.99 3.24 -8.99
CA ALA A 187 34.88 4.36 -8.72
C ALA A 187 35.51 4.25 -7.34
N LEU A 188 34.75 3.78 -6.34
CA LEU A 188 35.31 3.63 -5.01
C LEU A 188 36.42 2.57 -4.99
N VAL A 189 36.20 1.44 -5.67
CA VAL A 189 37.25 0.43 -5.78
C VAL A 189 38.44 0.99 -6.54
N LEU A 190 38.18 1.71 -7.64
CA LEU A 190 39.26 2.24 -8.47
C LEU A 190 40.12 3.24 -7.71
N THR A 191 39.49 4.13 -6.93
CA THR A 191 40.21 5.09 -6.09
C THR A 191 40.73 4.47 -4.79
N ARG A 192 40.72 3.14 -4.69
CA ARG A 192 41.33 2.41 -3.58
C ARG A 192 40.71 2.75 -2.23
N GLN A 193 39.70 3.63 -2.22
CA GLN A 193 39.00 3.95 -0.98
C GLN A 193 38.29 2.73 -0.40
N ILE A 194 37.92 1.79 -1.27
CA ILE A 194 37.13 0.64 -0.82
C ILE A 194 37.80 -0.04 0.38
N ASN A 195 39.13 -0.07 0.39
CA ASN A 195 39.85 -0.80 1.43
C ASN A 195 39.53 -0.24 2.80
N ARG A 196 39.69 1.07 2.99
CA ARG A 196 39.43 1.66 4.30
C ARG A 196 37.94 1.74 4.60
N ILE A 197 37.10 1.91 3.57
CA ILE A 197 35.66 1.97 3.84
C ILE A 197 35.16 0.66 4.45
N ILE A 198 35.67 -0.50 4.01
CA ILE A 198 35.11 -1.80 4.46
C ILE A 198 35.19 -2.01 5.99
N PRO A 199 36.34 -1.82 6.65
CA PRO A 199 36.34 -1.88 8.12
C PRO A 199 35.42 -0.87 8.75
N ALA A 200 35.34 0.35 8.19
CA ALA A 200 34.40 1.34 8.68
C ALA A 200 32.98 0.83 8.65
N ILE A 201 32.58 0.20 7.55
CA ILE A 201 31.24 -0.38 7.49
C ILE A 201 31.07 -1.43 8.57
N ASN A 202 32.08 -2.28 8.78
CA ASN A 202 31.91 -3.39 9.72
C ASN A 202 31.78 -2.92 11.16
N GLN A 203 32.57 -1.93 11.56
CA GLN A 203 32.43 -1.34 12.89
C GLN A 203 31.12 -0.63 13.09
N LEU A 204 30.42 -0.22 12.03
CA LEU A 204 29.10 0.35 12.27
C LEU A 204 28.02 -0.70 12.41
N GLY A 205 28.39 -1.96 12.69
CA GLY A 205 27.41 -3.03 12.86
C GLY A 205 26.74 -3.49 11.58
N LEU A 206 27.39 -3.29 10.44
CA LEU A 206 26.89 -3.75 9.16
C LEU A 206 27.89 -4.76 8.60
N VAL A 207 27.39 -5.78 7.92
CA VAL A 207 28.29 -6.68 7.22
C VAL A 207 28.17 -6.40 5.72
N VAL A 208 29.31 -6.15 5.09
CA VAL A 208 29.41 -6.06 3.64
C VAL A 208 30.11 -7.31 3.15
N ARG A 209 29.47 -8.02 2.22
CA ARG A 209 30.10 -9.14 1.53
C ARG A 209 30.17 -8.77 0.05
N GLY A 210 31.38 -8.83 -0.51
CA GLY A 210 31.52 -8.56 -1.92
C GLY A 210 31.03 -9.75 -2.71
N ILE A 211 30.20 -9.48 -3.72
CA ILE A 211 29.76 -10.54 -4.63
C ILE A 211 29.86 -10.14 -6.08
N GLY A 220 31.55 -6.35 -11.79
CA GLY A 220 32.45 -7.09 -10.93
C GLY A 220 32.79 -6.32 -9.67
N ASN A 221 32.25 -5.11 -9.56
CA ASN A 221 32.45 -4.28 -8.38
C ASN A 221 31.18 -4.18 -7.57
N ILE A 222 30.53 -5.31 -7.36
CA ILE A 222 29.25 -5.37 -6.67
C ILE A 222 29.50 -5.75 -5.23
N PHE A 223 28.91 -5.01 -4.30
CA PHE A 223 28.98 -5.31 -2.89
C PHE A 223 27.58 -5.34 -2.31
N GLN A 224 27.38 -6.10 -1.24
CA GLN A 224 26.07 -6.17 -0.61
C GLN A 224 26.23 -5.92 0.88
N ILE A 225 25.67 -4.79 1.34
CA ILE A 225 25.64 -4.43 2.76
C ILE A 225 24.32 -4.86 3.37
N SER A 226 24.38 -5.32 4.61
CA SER A 226 23.20 -5.84 5.28
C SER A 226 23.42 -5.72 6.79
N ASN A 227 22.34 -5.92 7.52
CA ASN A 227 22.47 -5.76 8.96
C ASN A 227 23.17 -6.96 9.59
N GLN A 228 24.12 -6.69 10.49
CA GLN A 228 24.88 -7.72 11.19
C GLN A 228 24.02 -8.48 12.21
N ILE A 229 23.17 -7.77 12.96
CA ILE A 229 22.39 -8.39 14.02
C ILE A 229 20.91 -8.17 13.74
N THR A 230 20.07 -8.87 14.49
CA THR A 230 18.64 -8.81 14.32
C THR A 230 17.89 -8.61 15.62
N LEU A 231 18.60 -8.65 16.75
CA LEU A 231 17.98 -8.57 18.07
C LEU A 231 18.67 -7.49 18.89
N GLY A 232 17.88 -6.62 19.51
CA GLY A 232 18.44 -5.50 20.24
C GLY A 232 18.01 -4.19 19.61
N LYS A 233 18.37 -3.98 18.34
CA LYS A 233 17.86 -2.84 17.58
C LYS A 233 16.38 -3.04 17.28
N SER A 234 15.73 -1.96 16.87
CA SER A 234 14.41 -2.04 16.26
C SER A 234 14.53 -2.00 14.74
N GLU A 235 13.48 -2.49 14.07
CA GLU A 235 13.50 -2.57 12.62
C GLU A 235 13.64 -1.19 12.01
N GLN A 236 12.85 -0.24 12.49
CA GLN A 236 13.01 1.14 12.03
C GLN A 236 14.46 1.57 12.14
N ASP A 237 15.15 1.22 13.22
CA ASP A 237 16.53 1.66 13.34
C ASP A 237 17.48 0.83 12.50
N ILE A 238 17.26 -0.48 12.36
CA ILE A 238 18.07 -1.30 11.44
C ILE A 238 18.06 -0.70 10.05
N VAL A 239 16.86 -0.41 9.55
CA VAL A 239 16.71 0.12 8.19
C VAL A 239 17.29 1.52 8.09
N GLU A 240 17.05 2.37 9.09
CA GLU A 240 17.65 3.70 9.16
C GLU A 240 19.18 3.65 9.11
N ASP A 241 19.79 2.75 9.88
CA ASP A 241 21.25 2.65 9.93
C ASP A 241 21.81 2.25 8.58
N LEU A 242 21.25 1.17 8.01
CA LEU A 242 21.64 0.75 6.67
C LEU A 242 21.44 1.87 5.66
N ASN A 243 20.33 2.60 5.79
CA ASN A 243 19.94 3.63 4.84
C ASN A 243 20.92 4.79 4.87
N SER A 244 21.21 5.32 6.06
CA SER A 244 22.23 6.33 6.21
C SER A 244 23.54 5.91 5.57
N VAL A 245 24.03 4.71 5.89
CA VAL A 245 25.34 4.29 5.40
C VAL A 245 25.34 4.17 3.87
N ALA A 246 24.29 3.55 3.31
CA ALA A 246 24.18 3.46 1.86
C ALA A 246 24.20 4.84 1.22
N ALA A 247 23.48 5.80 1.80
CA ALA A 247 23.40 7.13 1.21
C ALA A 247 24.77 7.79 1.20
N GLN A 248 25.54 7.63 2.27
CA GLN A 248 26.90 8.15 2.25
C GLN A 248 27.74 7.48 1.17
N LEU A 249 27.56 6.17 0.97
CA LEU A 249 28.31 5.52 -0.09
C LEU A 249 27.89 6.01 -1.46
N ILE A 250 26.59 6.34 -1.62
CA ILE A 250 26.12 6.86 -2.90
C ILE A 250 26.79 8.19 -3.19
N GLU A 251 26.86 9.05 -2.18
CA GLU A 251 27.46 10.34 -2.44
C GLU A 251 28.94 10.19 -2.74
N GLN A 252 29.63 9.29 -2.03
CA GLN A 252 31.07 9.12 -2.26
C GLN A 252 31.35 8.55 -3.64
N GLU A 253 30.50 7.65 -4.12
CA GLU A 253 30.65 7.09 -5.46
C GLU A 253 30.41 8.14 -6.54
N ARG A 254 29.34 8.95 -6.41
CA ARG A 254 29.13 10.00 -7.39
C ARG A 254 30.30 10.98 -7.42
N SER A 255 30.87 11.30 -6.26
CA SER A 255 32.05 12.16 -6.22
C SER A 255 33.23 11.54 -6.96
N ALA A 256 33.56 10.27 -6.64
CA ALA A 256 34.69 9.62 -7.29
C ALA A 256 34.48 9.44 -8.79
N ARG A 257 33.23 9.27 -9.25
CA ARG A 257 32.96 9.16 -10.68
C ARG A 257 33.13 10.50 -11.37
N GLU A 258 32.63 11.58 -10.76
CA GLU A 258 32.93 12.92 -11.26
C GLU A 258 34.44 13.17 -11.33
N ALA A 259 35.21 12.54 -10.45
CA ALA A 259 36.67 12.70 -10.51
C ALA A 259 37.31 11.92 -11.66
N ILE A 260 36.72 10.79 -12.05
CA ILE A 260 37.27 10.03 -13.18
C ILE A 260 36.16 9.29 -13.93
N ILE B 80 19.31 -30.54 30.89
CA ILE B 80 18.77 -31.87 31.22
C ILE B 80 17.26 -31.81 31.00
N SER B 81 16.79 -30.71 30.46
CA SER B 81 15.39 -30.72 30.05
C SER B 81 15.33 -31.11 28.57
N ALA B 82 14.11 -31.43 28.12
CA ALA B 82 13.79 -31.51 26.70
C ALA B 82 12.50 -30.75 26.47
N CYS B 83 12.36 -30.21 25.27
CA CYS B 83 11.18 -29.42 24.94
C CYS B 83 9.94 -30.31 24.96
N PRO B 84 8.91 -29.97 25.71
CA PRO B 84 7.69 -30.80 25.71
C PRO B 84 6.89 -30.76 24.40
N LYS B 85 7.20 -29.87 23.44
CA LYS B 85 6.50 -29.80 22.16
C LYS B 85 7.20 -30.55 21.03
N CYS B 86 8.52 -30.44 20.90
CA CYS B 86 9.21 -31.10 19.82
C CYS B 86 10.31 -32.04 20.27
N GLY B 87 10.50 -32.21 21.57
CA GLY B 87 11.34 -33.25 22.10
C GLY B 87 12.81 -32.95 22.11
N MET B 88 13.23 -31.83 21.53
CA MET B 88 14.65 -31.55 21.44
C MET B 88 15.28 -31.41 22.82
N THR B 89 16.52 -31.84 22.92
CA THR B 89 17.33 -31.62 24.12
C THR B 89 18.34 -30.50 23.83
N PHE B 90 18.97 -29.98 24.89
CA PHE B 90 19.89 -28.89 24.65
C PHE B 90 21.18 -29.38 23.98
N GLN B 91 21.56 -30.64 24.17
CA GLN B 91 22.71 -31.17 23.44
C GLN B 91 22.37 -31.30 21.97
N GLN B 92 21.17 -31.80 21.68
CA GLN B 92 20.71 -31.80 20.31
C GLN B 92 20.77 -30.41 19.71
N PHE B 93 20.31 -29.40 20.47
CA PHE B 93 20.36 -28.03 19.96
C PHE B 93 21.80 -27.59 19.71
N ARG B 94 22.73 -28.03 20.56
CA ARG B 94 24.12 -27.66 20.33
C ARG B 94 24.61 -28.23 19.02
N LYS B 95 24.21 -29.47 18.72
CA LYS B 95 24.71 -30.12 17.50
C LYS B 95 24.07 -29.49 16.26
N ILE B 96 22.73 -29.48 16.22
CA ILE B 96 21.99 -29.05 15.03
C ILE B 96 22.09 -27.55 14.80
N GLY B 97 21.99 -26.74 15.85
CA GLY B 97 22.10 -25.30 15.72
C GLY B 97 20.81 -24.58 15.41
N ARG B 98 19.69 -25.27 15.45
CA ARG B 98 18.39 -24.69 15.12
C ARG B 98 17.39 -25.14 16.16
N PHE B 99 16.49 -24.24 16.52
CA PHE B 99 15.41 -24.61 17.43
C PHE B 99 14.36 -25.47 16.73
N GLY B 100 13.80 -26.42 17.49
CA GLY B 100 12.84 -27.34 16.94
C GLY B 100 11.45 -26.78 16.82
N CYS B 101 11.02 -26.01 17.81
CA CYS B 101 9.68 -25.46 17.82
C CYS B 101 9.68 -24.17 18.64
N SER B 102 8.49 -23.58 18.79
CA SER B 102 8.40 -22.32 19.50
C SER B 102 8.80 -22.47 20.97
N GLU B 103 8.49 -23.62 21.58
CA GLU B 103 8.66 -23.81 23.02
C GLU B 103 10.10 -24.07 23.44
N CYS B 104 10.96 -24.56 22.53
CA CYS B 104 12.39 -24.65 22.85
C CYS B 104 12.89 -23.35 23.47
N TYR B 105 12.34 -22.23 23.03
CA TYR B 105 12.81 -20.94 23.49
C TYR B 105 12.54 -20.77 24.97
N LYS B 106 11.34 -21.16 25.40
CA LYS B 106 11.02 -21.10 26.82
C LYS B 106 11.81 -22.13 27.61
N THR B 107 11.99 -23.34 27.08
CA THR B 107 12.64 -24.37 27.87
C THR B 107 14.17 -24.37 27.80
N PHE B 108 14.81 -23.53 26.99
CA PHE B 108 16.27 -23.37 27.07
C PHE B 108 16.63 -21.92 27.34
N HIS B 109 15.69 -21.17 27.94
CA HIS B 109 15.84 -19.72 28.08
C HIS B 109 17.22 -19.30 28.58
N SER B 110 17.63 -19.84 29.73
CA SER B 110 18.91 -19.51 30.33
C SER B 110 20.07 -19.74 29.36
N ASN B 111 20.10 -20.91 28.72
CA ASN B 111 21.28 -21.29 27.96
C ASN B 111 21.42 -20.51 26.66
N ILE B 112 20.30 -20.03 26.11
CA ILE B 112 20.34 -19.31 24.83
C ILE B 112 20.95 -17.91 25.01
N THR B 113 20.78 -17.31 26.19
CA THR B 113 21.26 -15.95 26.41
C THR B 113 22.75 -15.77 26.12
N PRO B 114 23.65 -16.68 26.52
CA PRO B 114 25.05 -16.56 26.04
C PRO B 114 25.18 -16.60 24.53
N ILE B 115 24.35 -17.42 23.85
CA ILE B 115 24.43 -17.53 22.41
C ILE B 115 23.96 -16.24 21.76
N LEU B 116 22.81 -15.74 22.21
CA LEU B 116 22.34 -14.44 21.74
C LEU B 116 23.40 -13.39 21.94
N ARG B 117 23.93 -13.26 23.15
CA ARG B 117 25.01 -12.32 23.42
C ARG B 117 26.14 -12.43 22.40
N LYS B 118 26.56 -13.65 22.08
CA LYS B 118 27.67 -13.77 21.14
C LYS B 118 27.24 -13.31 19.75
N VAL B 119 26.01 -13.62 19.37
CA VAL B 119 25.56 -13.45 17.97
C VAL B 119 25.09 -12.02 17.68
N HIS B 120 24.53 -11.33 18.67
CA HIS B 120 23.89 -10.04 18.45
C HIS B 120 24.64 -8.89 19.12
N SER B 121 25.95 -9.03 19.28
CA SER B 121 26.78 -7.96 19.81
C SER B 121 26.33 -7.58 21.22
N GLY B 122 26.13 -8.60 22.06
CA GLY B 122 25.78 -8.40 23.45
C GLY B 122 24.31 -8.18 23.74
N ASN B 123 23.46 -8.00 22.74
CA ASN B 123 22.03 -7.81 22.98
C ASN B 123 21.34 -9.15 23.23
N THR B 124 20.34 -9.13 24.09
CA THR B 124 19.63 -10.35 24.43
C THR B 124 18.12 -10.16 24.56
N VAL B 125 17.62 -8.93 24.48
CA VAL B 125 16.19 -8.70 24.62
C VAL B 125 15.67 -7.96 23.39
N HIS B 126 14.42 -8.26 23.05
CA HIS B 126 13.84 -7.71 21.84
C HIS B 126 13.37 -6.29 22.10
N ALA B 127 13.67 -5.41 21.13
CA ALA B 127 13.32 -3.99 21.21
C ALA B 127 12.73 -3.53 19.86
N GLY B 128 11.69 -4.20 19.38
CA GLY B 128 11.10 -3.91 18.08
C GLY B 128 9.64 -4.27 18.01
N LYS B 129 9.19 -4.66 16.82
CA LYS B 129 7.75 -4.81 16.56
C LYS B 129 7.09 -5.83 17.49
N ILE B 130 5.79 -5.65 17.70
CA ILE B 130 4.92 -6.63 18.35
C ILE B 130 3.71 -6.80 17.44
N PRO B 131 3.28 -8.02 17.14
CA PRO B 131 2.13 -8.19 16.22
C PRO B 131 0.85 -7.63 16.81
N LYS B 132 -0.07 -7.22 15.92
CA LYS B 132 -1.22 -6.41 16.35
C LYS B 132 -2.24 -7.22 17.14
N ARG B 133 -2.70 -8.36 16.59
CA ARG B 133 -3.70 -9.16 17.29
C ARG B 133 -3.22 -9.57 18.68
N ILE B 134 -2.06 -10.21 18.74
CA ILE B 134 -1.57 -10.79 19.99
C ILE B 134 -1.08 -9.73 20.98
N GLY B 135 -0.80 -8.51 20.53
CA GLY B 135 -0.21 -7.51 21.40
C GLY B 135 -1.07 -7.23 22.63
N GLY B 136 -2.40 -7.25 22.45
CA GLY B 136 -3.33 -7.24 23.55
C GLY B 136 -2.99 -8.29 24.58
N ASN B 137 -2.99 -9.56 24.16
CA ASN B 137 -2.65 -10.67 25.04
C ASN B 137 -1.38 -10.40 25.83
N LEU B 138 -0.34 -9.90 25.18
CA LEU B 138 0.91 -9.80 25.94
C LEU B 138 0.91 -8.63 26.91
N HIS B 139 0.30 -7.51 26.52
CA HIS B 139 0.03 -6.45 27.48
C HIS B 139 -0.67 -7.00 28.73
N VAL B 140 -1.77 -7.74 28.51
CA VAL B 140 -2.51 -8.34 29.61
C VAL B 140 -1.59 -9.18 30.49
N ARG B 141 -0.89 -10.15 29.89
CA ARG B 141 -0.02 -11.04 30.67
C ARG B 141 1.01 -10.26 31.48
N ARG B 142 1.51 -9.14 30.95
CA ARG B 142 2.41 -8.31 31.74
C ARG B 142 1.71 -7.73 32.97
N GLN B 143 0.50 -7.19 32.78
CA GLN B 143 -0.27 -6.73 33.92
C GLN B 143 -0.43 -7.84 34.95
N ILE B 144 -0.82 -9.03 34.48
CA ILE B 144 -1.04 -10.19 35.36
C ILE B 144 0.20 -10.45 36.21
N ASP B 145 1.38 -10.44 35.60
CA ASP B 145 2.60 -10.73 36.38
C ASP B 145 2.89 -9.61 37.38
N MET B 146 2.67 -8.35 37.00
CA MET B 146 2.85 -7.26 37.96
C MET B 146 1.90 -7.41 39.15
N LEU B 147 0.65 -7.81 38.89
CA LEU B 147 -0.30 -8.00 39.97
C LEU B 147 0.00 -9.23 40.82
N LYS B 148 0.57 -10.30 40.24
CA LYS B 148 0.95 -11.46 41.04
C LYS B 148 2.08 -11.11 42.00
N LYS B 149 3.04 -10.30 41.54
CA LYS B 149 4.08 -9.81 42.45
C LYS B 149 3.48 -8.91 43.54
N GLU B 150 2.60 -7.97 43.14
CA GLU B 150 1.94 -7.10 44.12
C GLU B 150 1.10 -7.91 45.11
N LEU B 151 0.50 -9.00 44.64
CA LEU B 151 -0.26 -9.87 45.52
C LEU B 151 0.64 -10.51 46.56
N GLU B 152 1.79 -11.06 46.12
CA GLU B 152 2.79 -11.58 47.05
C GLU B 152 3.11 -10.55 48.14
N SER B 153 3.45 -9.32 47.73
CA SER B 153 3.80 -8.30 48.73
C SER B 153 2.61 -8.00 49.64
N LEU B 154 1.39 -8.02 49.10
CA LEU B 154 0.20 -7.73 49.90
C LEU B 154 -0.07 -8.82 50.94
N ILE B 155 0.13 -10.09 50.56
CA ILE B 155 -0.01 -11.19 51.50
C ILE B 155 0.98 -11.04 52.63
N HIS B 156 2.23 -10.71 52.27
CA HIS B 156 3.26 -10.50 53.28
C HIS B 156 2.80 -9.51 54.36
N GLN B 157 2.25 -8.37 53.94
CA GLN B 157 1.83 -7.34 54.88
C GLN B 157 0.54 -7.68 55.64
N GLU B 158 -0.03 -8.88 55.43
CA GLU B 158 -1.31 -9.28 56.03
C GLU B 158 -2.44 -8.32 55.64
N GLU B 159 -2.41 -7.84 54.39
CA GLU B 159 -3.38 -6.87 53.87
C GLU B 159 -4.37 -7.61 52.96
N PHE B 160 -5.29 -8.34 53.60
CA PHE B 160 -5.96 -9.45 52.89
C PHE B 160 -7.13 -9.01 52.07
N GLU B 161 -7.86 -7.97 52.46
CA GLU B 161 -8.92 -7.47 51.61
C GLU B 161 -8.36 -7.00 50.27
N ASN B 162 -7.25 -6.26 50.31
CA ASN B 162 -6.54 -5.89 49.09
C ASN B 162 -6.11 -7.11 48.32
N ALA B 163 -5.71 -8.17 49.02
CA ALA B 163 -5.29 -9.39 48.34
C ALA B 163 -6.47 -10.05 47.63
N ALA B 164 -7.66 -10.01 48.24
CA ALA B 164 -8.82 -10.60 47.60
C ALA B 164 -9.15 -9.85 46.32
N HIS B 165 -9.07 -8.52 46.38
CA HIS B 165 -9.21 -7.70 45.18
C HIS B 165 -8.22 -8.12 44.09
N VAL B 166 -6.92 -8.10 44.43
CA VAL B 166 -5.89 -8.43 43.44
C VAL B 166 -6.09 -9.83 42.87
N ARG B 167 -6.48 -10.80 43.69
CA ARG B 167 -6.74 -12.16 43.20
C ARG B 167 -7.87 -12.16 42.17
N ASP B 168 -8.97 -11.45 42.47
CA ASP B 168 -10.07 -11.43 41.51
C ASP B 168 -9.70 -10.67 40.23
N GLN B 169 -8.84 -9.66 40.34
CA GLN B 169 -8.40 -8.95 39.14
C GLN B 169 -7.53 -9.83 38.26
N ILE B 170 -6.56 -10.53 38.85
CA ILE B 170 -5.80 -11.52 38.09
C ILE B 170 -6.75 -12.51 37.42
N ARG B 171 -7.74 -13.03 38.16
CA ARG B 171 -8.67 -13.99 37.57
C ARG B 171 -9.46 -13.36 36.43
N LEU B 172 -9.78 -12.08 36.54
CA LEU B 172 -10.50 -11.38 35.48
C LEU B 172 -9.64 -11.27 34.22
N LEU B 173 -8.38 -10.84 34.38
CA LEU B 173 -7.51 -10.70 33.21
C LEU B 173 -7.25 -12.04 32.55
N GLU B 174 -7.03 -13.10 33.35
CA GLU B 174 -6.79 -14.43 32.78
C GLU B 174 -7.99 -14.95 32.01
N GLN B 175 -9.20 -14.72 32.54
CA GLN B 175 -10.39 -15.04 31.77
C GLN B 175 -10.42 -14.26 30.45
N SER B 176 -10.06 -12.97 30.48
CA SER B 176 -10.09 -12.16 29.26
C SER B 176 -9.16 -12.73 28.18
N LEU B 177 -8.04 -13.34 28.60
CA LEU B 177 -7.12 -13.93 27.62
C LEU B 177 -7.79 -15.04 26.83
N LYS B 178 -8.35 -16.03 27.55
CA LYS B 178 -8.91 -17.22 26.93
C LYS B 178 -10.41 -17.06 26.63
N LYS C 20 10.44 16.38 -0.39
CA LYS C 20 11.00 16.61 -1.73
C LYS C 20 11.24 15.28 -2.46
N GLY C 21 10.49 15.03 -3.54
CA GLY C 21 10.52 13.79 -4.28
C GLY C 21 11.46 13.79 -5.47
N PRO C 22 11.18 12.92 -6.46
CA PRO C 22 11.98 12.87 -7.71
C PRO C 22 11.96 14.16 -8.49
N GLU C 23 13.14 14.54 -9.02
CA GLU C 23 13.35 15.80 -9.70
C GLU C 23 12.71 16.97 -8.96
N SER C 24 12.87 17.01 -7.63
CA SER C 24 12.25 18.05 -6.82
C SER C 24 12.73 19.44 -7.22
N ASP C 25 13.86 19.53 -7.94
CA ASP C 25 14.39 20.82 -8.38
C ASP C 25 13.48 21.47 -9.41
N ILE C 26 12.82 20.66 -10.23
CA ILE C 26 12.05 21.14 -11.36
C ILE C 26 10.56 21.04 -11.10
N VAL C 27 10.11 19.89 -10.62
CA VAL C 27 8.70 19.61 -10.46
C VAL C 27 8.37 19.72 -8.98
N LEU C 28 7.52 20.67 -8.65
CA LEU C 28 7.15 20.94 -7.27
C LEU C 28 6.17 19.91 -6.71
N SER C 29 5.10 19.57 -7.43
CA SER C 29 4.17 18.57 -6.90
C SER C 29 3.38 17.94 -8.03
N SER C 30 2.70 16.85 -7.70
CA SER C 30 1.84 16.16 -8.65
C SER C 30 0.48 15.98 -8.01
N ARG C 31 -0.54 16.61 -8.60
CA ARG C 31 -1.86 16.63 -8.02
C ARG C 31 -2.79 15.77 -8.86
N ILE C 32 -3.67 15.03 -8.19
CA ILE C 32 -4.66 14.20 -8.85
C ILE C 32 -5.99 14.45 -8.14
N ARG C 33 -7.00 14.87 -8.88
CA ARG C 33 -8.30 15.15 -8.28
C ARG C 33 -9.39 14.37 -9.00
N LEU C 34 -10.22 13.68 -8.23
CA LEU C 34 -11.32 12.87 -8.74
C LEU C 34 -12.62 13.44 -8.19
N ALA C 35 -13.52 13.87 -9.08
CA ALA C 35 -14.84 14.33 -8.66
C ALA C 35 -15.85 13.18 -8.67
N ARG C 36 -16.61 13.03 -7.58
CA ARG C 36 -17.62 11.98 -7.44
C ARG C 36 -18.86 12.54 -6.78
N ASN C 37 -20.02 11.91 -7.03
CA ASN C 37 -21.30 12.30 -6.45
C ASN C 37 -22.08 11.05 -6.08
N PHE C 38 -22.79 11.10 -4.96
CA PHE C 38 -23.80 10.09 -4.66
C PHE C 38 -24.81 10.03 -5.79
N GLU C 39 -25.24 8.82 -6.16
CA GLU C 39 -26.24 8.68 -7.21
C GLU C 39 -27.65 9.05 -6.74
N HIS C 40 -27.97 8.78 -5.47
CA HIS C 40 -29.32 8.96 -4.95
C HIS C 40 -29.51 10.26 -4.21
N ILE C 41 -28.49 11.09 -4.15
CA ILE C 41 -28.61 12.40 -3.52
C ILE C 41 -28.49 13.48 -4.58
N ARG C 42 -29.28 14.54 -4.44
CA ARG C 42 -29.19 15.65 -5.38
C ARG C 42 -27.79 16.24 -5.36
N PHE C 43 -27.37 16.81 -6.48
CA PHE C 43 -26.02 17.35 -6.53
C PHE C 43 -25.97 18.63 -5.69
N PRO C 44 -24.78 19.18 -5.43
CA PRO C 44 -24.69 20.32 -4.50
C PRO C 44 -25.43 21.56 -4.96
N THR C 45 -25.77 21.69 -6.24
CA THR C 45 -26.50 22.87 -6.63
C THR C 45 -27.93 22.85 -6.14
N ARG C 46 -28.49 21.68 -5.82
CA ARG C 46 -29.93 21.58 -5.59
C ARG C 46 -30.31 20.70 -4.41
N TYR C 47 -29.36 20.20 -3.63
CA TYR C 47 -29.67 19.25 -2.56
C TYR C 47 -29.99 19.95 -1.25
N SER C 48 -30.79 19.26 -0.44
CA SER C 48 -31.30 19.76 0.83
C SER C 48 -30.15 20.02 1.80
N ASN C 49 -30.43 20.90 2.78
CA ASN C 49 -29.54 20.99 3.94
C ASN C 49 -29.45 19.64 4.66
N GLU C 50 -30.60 18.98 4.83
CA GLU C 50 -30.62 17.62 5.35
C GLU C 50 -29.69 16.71 4.56
N GLU C 51 -29.80 16.74 3.24
CA GLU C 51 -28.98 15.86 2.41
C GLU C 51 -27.48 16.12 2.60
N ALA C 52 -27.10 17.40 2.68
CA ALA C 52 -25.70 17.73 2.93
C ALA C 52 -25.26 17.19 4.28
N SER C 53 -26.11 17.39 5.28
CA SER C 53 -25.77 16.97 6.63
C SER C 53 -25.57 15.46 6.68
N SER C 54 -26.42 14.72 5.95
CA SER C 54 -26.34 13.27 6.00
C SER C 54 -25.11 12.76 5.28
N ILE C 55 -24.73 13.39 4.16
CA ILE C 55 -23.49 12.96 3.49
C ILE C 55 -22.31 13.14 4.43
N ILE C 56 -22.17 14.32 5.01
CA ILE C 56 -20.97 14.49 5.83
C ILE C 56 -21.05 13.59 7.07
N GLN C 57 -22.25 13.36 7.60
CA GLN C 57 -22.38 12.45 8.73
C GLN C 57 -21.92 11.05 8.36
N GLN C 58 -22.47 10.50 7.28
CA GLN C 58 -22.14 9.14 6.85
C GLN C 58 -20.65 9.01 6.58
N PHE C 59 -20.00 10.10 6.14
CA PHE C 59 -18.56 10.02 5.98
C PHE C 59 -17.87 9.93 7.31
N GLU C 60 -18.31 10.72 8.29
CA GLU C 60 -17.76 10.61 9.63
C GLU C 60 -17.91 9.18 10.15
N ASP C 61 -19.12 8.63 10.01
CA ASP C 61 -19.46 7.32 10.56
C ASP C 61 -18.62 6.21 9.94
N GLN C 62 -18.41 6.23 8.63
CA GLN C 62 -17.83 5.06 7.99
C GLN C 62 -16.38 5.22 7.53
N PHE C 63 -15.81 6.42 7.60
CA PHE C 63 -14.45 6.59 7.14
C PHE C 63 -13.57 7.37 8.08
N SER C 64 -14.12 8.10 9.03
CA SER C 64 -13.27 8.79 9.99
C SER C 64 -12.66 7.81 10.95
N GLU C 65 -11.40 8.06 11.31
CA GLU C 65 -10.60 7.16 12.14
C GLU C 65 -10.61 5.72 11.60
N GLN C 66 -10.56 5.58 10.28
CA GLN C 66 -10.31 4.30 9.61
C GLN C 66 -9.08 4.45 8.74
N GLU C 67 -8.62 3.32 8.19
CA GLU C 67 -7.42 3.37 7.36
C GLU C 67 -7.54 2.38 6.20
N ILE C 68 -6.94 2.77 5.08
CA ILE C 68 -6.57 1.84 4.02
C ILE C 68 -5.06 1.61 4.13
N PRO C 69 -4.59 0.37 4.06
CA PRO C 69 -3.16 0.12 4.26
C PRO C 69 -2.33 0.73 3.15
N GLY C 70 -1.10 1.09 3.50
CA GLY C 70 -0.21 1.78 2.60
C GLY C 70 -0.39 3.28 2.55
N ILE C 71 -1.56 3.78 2.93
CA ILE C 71 -1.86 5.20 2.88
C ILE C 71 -1.92 5.79 4.27
N GLY C 72 -2.70 5.18 5.16
CA GLY C 72 -2.72 5.58 6.55
C GLY C 72 -4.13 5.77 7.06
N LYS C 73 -4.21 6.44 8.20
CA LYS C 73 -5.46 6.72 8.89
C LYS C 73 -6.06 8.03 8.38
N PHE C 74 -7.40 8.06 8.33
CA PHE C 74 -8.17 9.17 7.79
C PHE C 74 -9.04 9.78 8.87
N VAL C 75 -8.77 11.03 9.23
CA VAL C 75 -9.54 11.74 10.25
C VAL C 75 -10.38 12.84 9.61
N LEU C 76 -11.65 12.92 9.98
CA LEU C 76 -12.56 13.84 9.33
C LEU C 76 -12.67 15.14 10.11
N ILE C 77 -12.41 16.24 9.43
CA ILE C 77 -12.54 17.60 9.94
C ILE C 77 -13.87 18.13 9.43
N ARG C 78 -14.86 18.27 10.30
CA ARG C 78 -16.01 19.09 9.97
C ARG C 78 -15.64 20.59 10.04
N MSE C 79 -16.10 21.37 9.05
CA MSE C 79 -15.91 22.84 9.09
C MSE C 79 -16.78 23.52 10.14
O MSE C 79 -16.41 24.53 10.71
CB MSE C 79 -16.21 23.47 7.71
CG MSE C 79 -15.42 22.87 6.57
SE MSE C 79 -13.58 23.53 6.40
CE MSE C 79 -12.68 21.88 5.86
N ASN C 80 -17.97 22.96 10.38
CA ASN C 80 -18.77 23.48 11.46
C ASN C 80 -18.00 23.45 12.77
N ASP C 81 -17.15 22.43 12.96
CA ASP C 81 -16.40 22.24 14.18
C ASP C 81 -15.00 22.85 14.14
N ALA C 82 -14.52 23.27 12.97
CA ALA C 82 -13.14 23.67 12.85
C ALA C 82 -12.92 25.09 13.33
N GLN C 83 -11.69 25.35 13.79
CA GLN C 83 -11.29 26.71 14.13
C GLN C 83 -11.08 27.55 12.87
N PRO C 84 -11.45 28.82 12.88
CA PRO C 84 -11.10 29.67 11.73
C PRO C 84 -9.64 29.58 11.35
N LEU C 85 -8.72 29.67 12.32
CA LEU C 85 -7.31 29.62 11.96
C LEU C 85 -6.89 28.21 11.51
N GLU C 86 -7.55 27.18 12.04
CA GLU C 86 -7.37 25.85 11.49
C GLU C 86 -7.80 25.80 10.03
N LYS C 87 -9.00 26.31 9.73
CA LYS C 87 -9.48 26.35 8.36
C LYS C 87 -8.49 27.08 7.47
N ARG C 88 -7.95 28.20 7.97
CA ARG C 88 -6.98 28.95 7.18
C ARG C 88 -5.77 28.08 6.87
N VAL C 89 -5.28 27.33 7.85
CA VAL C 89 -4.17 26.42 7.62
C VAL C 89 -4.50 25.42 6.51
N LEU C 90 -5.69 24.83 6.56
CA LEU C 90 -6.08 23.89 5.50
C LEU C 90 -6.05 24.55 4.12
N VAL C 91 -6.60 25.77 4.03
CA VAL C 91 -6.62 26.45 2.74
C VAL C 91 -5.22 26.66 2.20
N GLU C 92 -4.29 27.05 3.07
CA GLU C 92 -2.95 27.35 2.55
C GLU C 92 -2.19 26.09 2.17
N LYS C 93 -2.58 24.95 2.69
CA LYS C 93 -2.00 23.67 2.29
C LYS C 93 -2.72 23.10 1.08
N HIS C 94 -3.68 23.86 0.53
CA HIS C 94 -4.49 23.48 -0.62
C HIS C 94 -5.38 22.28 -0.37
N LEU C 95 -5.68 21.96 0.87
CA LEU C 95 -6.50 20.79 1.14
C LEU C 95 -7.98 21.06 0.95
N ILE C 96 -8.39 22.33 1.04
CA ILE C 96 -9.76 22.75 0.81
C ILE C 96 -9.73 24.09 0.09
N SER C 97 -10.74 24.35 -0.61
CA SER C 97 -10.94 25.59 -1.34
C SER C 97 -11.52 26.64 -0.42
N PRO C 98 -11.16 27.91 -0.62
CA PRO C 98 -11.74 28.97 0.22
C PRO C 98 -13.26 28.94 0.28
N ASN C 99 -13.93 28.59 -0.84
CA ASN C 99 -15.38 28.50 -0.87
C ASN C 99 -15.90 27.72 0.33
N LEU C 100 -15.28 26.57 0.56
CA LEU C 100 -15.75 25.62 1.54
C LEU C 100 -15.71 26.13 2.98
N THR C 101 -14.90 27.16 3.28
CA THR C 101 -14.67 27.51 4.69
C THR C 101 -15.93 28.03 5.37
N GLU C 102 -16.82 28.68 4.64
CA GLU C 102 -18.06 29.14 5.23
C GLU C 102 -19.21 28.15 5.05
N SER C 103 -19.03 27.13 4.22
CA SER C 103 -19.99 26.03 4.05
C SER C 103 -20.20 25.26 5.36
N PRO C 104 -21.30 25.48 6.07
CA PRO C 104 -21.46 24.80 7.37
C PRO C 104 -21.46 23.29 7.29
N PHE C 105 -21.82 22.71 6.15
CA PHE C 105 -21.74 21.26 5.98
C PHE C 105 -20.49 20.82 5.25
N GLY C 106 -19.57 21.72 4.98
CA GLY C 106 -18.31 21.32 4.40
C GLY C 106 -17.52 20.45 5.36
N GLY C 107 -16.64 19.65 4.77
CA GLY C 107 -15.84 18.72 5.55
C GLY C 107 -14.66 18.23 4.75
N CYS C 108 -13.57 17.96 5.44
CA CYS C 108 -12.38 17.47 4.77
C CYS C 108 -11.88 16.24 5.51
N LEU C 109 -11.76 15.11 4.82
CA LEU C 109 -11.29 13.85 5.41
C LEU C 109 -9.81 13.66 5.05
N LEU C 110 -8.94 13.96 6.01
CA LEU C 110 -7.49 14.07 5.82
C LEU C 110 -6.76 12.78 6.21
N SER C 111 -5.85 12.31 5.35
CA SER C 111 -4.93 11.26 5.73
C SER C 111 -3.89 11.81 6.70
N GLU C 112 -3.45 10.95 7.64
CA GLU C 112 -2.36 11.30 8.55
C GLU C 112 -1.22 11.94 7.79
N ASN C 113 -0.80 11.29 6.71
CA ASN C 113 0.30 11.79 5.89
C ASN C 113 0.08 13.23 5.41
N GLU C 114 -1.18 13.65 5.28
CA GLU C 114 -1.65 14.90 4.70
C GLU C 114 -1.57 14.91 3.17
N GLU C 115 -0.94 13.90 2.56
CA GLU C 115 -0.80 13.89 1.12
C GLU C 115 -2.09 13.51 0.39
N VAL C 116 -3.05 12.93 1.08
CA VAL C 116 -4.30 12.50 0.47
C VAL C 116 -5.45 13.05 1.30
N SER C 117 -6.41 13.66 0.62
CA SER C 117 -7.54 14.29 1.29
C SER C 117 -8.78 14.01 0.47
N VAL C 118 -9.94 14.17 1.09
CA VAL C 118 -11.20 14.08 0.39
C VAL C 118 -12.05 15.23 0.87
N MSE C 119 -12.25 16.22 0.01
CA MSE C 119 -13.11 17.37 0.28
C MSE C 119 -14.56 16.95 0.09
O MSE C 119 -14.82 16.14 -0.79
CB MSE C 119 -12.76 18.53 -0.63
CG MSE C 119 -13.71 19.69 -0.51
SE MSE C 119 -13.03 21.35 -1.33
CE MSE C 119 -12.52 20.78 -3.15
N LEU C 120 -15.48 17.46 0.89
CA LEU C 120 -16.87 17.05 0.84
C LEU C 120 -17.81 18.24 0.79
N ASN C 121 -18.86 18.13 -0.03
CA ASN C 121 -19.92 19.13 -0.10
C ASN C 121 -19.42 20.50 -0.56
N GLU C 122 -18.56 20.49 -1.56
CA GLU C 122 -18.22 21.69 -2.34
C GLU C 122 -18.95 21.61 -3.68
N GLU C 123 -18.25 21.70 -4.83
CA GLU C 123 -18.95 21.65 -6.11
C GLU C 123 -19.65 20.32 -6.31
N ASP C 124 -19.04 19.23 -5.85
CA ASP C 124 -19.60 17.89 -5.93
C ASP C 124 -19.63 17.33 -4.51
N HIS C 125 -20.39 16.25 -4.30
CA HIS C 125 -20.39 15.63 -2.99
C HIS C 125 -18.98 15.29 -2.55
N ILE C 126 -18.23 14.58 -3.39
CA ILE C 126 -16.91 14.07 -3.04
C ILE C 126 -15.89 14.64 -4.02
N ARG C 127 -14.75 15.11 -3.51
CA ARG C 127 -13.61 15.34 -4.37
C ARG C 127 -12.36 14.79 -3.71
N ILE C 128 -11.78 13.77 -4.31
CA ILE C 128 -10.58 13.10 -3.80
C ILE C 128 -9.37 13.83 -4.35
N GLN C 129 -8.45 14.26 -3.48
CA GLN C 129 -7.22 14.94 -3.89
C GLN C 129 -5.99 14.19 -3.39
N CYS C 130 -4.99 14.05 -4.27
CA CYS C 130 -3.69 13.46 -3.94
C CYS C 130 -2.61 14.45 -4.35
N LEU C 131 -2.05 15.16 -3.38
CA LEU C 131 -0.91 16.06 -3.60
C LEU C 131 0.35 15.29 -3.20
N PHE C 132 1.25 15.06 -4.15
CA PHE C 132 2.48 14.41 -3.78
C PHE C 132 3.63 15.35 -4.08
N PRO C 133 4.70 15.34 -3.29
CA PRO C 133 5.71 16.40 -3.37
C PRO C 133 6.60 16.32 -4.59
N GLY C 134 6.67 15.20 -5.29
CA GLY C 134 7.72 15.15 -6.31
C GLY C 134 7.17 15.23 -7.71
N PHE C 135 7.77 14.42 -8.59
CA PHE C 135 7.22 14.09 -9.88
C PHE C 135 6.66 12.68 -9.72
N GLN C 136 5.41 12.58 -9.28
CA GLN C 136 4.84 11.27 -9.00
C GLN C 136 3.39 11.19 -9.47
N LEU C 137 3.16 11.35 -10.76
CA LEU C 137 1.79 11.31 -11.23
C LEU C 137 1.18 9.94 -11.04
N LEU C 138 1.92 8.89 -11.40
CA LEU C 138 1.31 7.56 -11.34
C LEU C 138 1.13 7.10 -9.90
N GLU C 139 2.00 7.51 -8.99
CA GLU C 139 1.79 7.15 -7.58
C GLU C 139 0.52 7.79 -7.06
N ALA C 140 0.35 9.10 -7.32
CA ALA C 140 -0.84 9.80 -6.84
C ALA C 140 -2.10 9.28 -7.52
N MSE C 141 -2.01 8.91 -8.81
CA MSE C 141 -3.10 8.21 -9.46
C MSE C 141 -3.51 6.93 -8.73
O MSE C 141 -4.70 6.68 -8.52
CB MSE C 141 -2.74 7.84 -10.91
CG MSE C 141 -3.98 7.29 -11.64
SE MSE C 141 -5.44 8.60 -11.95
CE MSE C 141 -7.04 7.57 -11.51
N LYS C 142 -2.50 6.13 -8.34
CA LYS C 142 -2.78 4.86 -7.68
C LYS C 142 -3.38 5.10 -6.31
N ALA C 143 -2.88 6.12 -5.60
CA ALA C 143 -3.46 6.49 -4.32
C ALA C 143 -4.92 6.88 -4.46
N ALA C 144 -5.22 7.71 -5.48
CA ALA C 144 -6.58 8.21 -5.67
C ALA C 144 -7.53 7.11 -6.09
N ASN C 145 -7.05 6.18 -6.92
CA ASN C 145 -7.89 5.04 -7.30
C ASN C 145 -8.18 4.17 -6.10
N GLN C 146 -7.16 3.93 -5.26
CA GLN C 146 -7.36 3.22 -4.00
C GLN C 146 -8.45 3.88 -3.16
N VAL C 147 -8.31 5.20 -2.95
CA VAL C 147 -9.27 5.93 -2.13
C VAL C 147 -10.65 5.85 -2.76
N ASP C 148 -10.71 5.92 -4.09
CA ASP C 148 -11.98 5.89 -4.81
C ASP C 148 -12.70 4.57 -4.62
N ASP C 149 -11.96 3.44 -4.79
CA ASP C 149 -12.50 2.10 -4.56
C ASP C 149 -12.92 1.90 -3.10
N TRP C 150 -12.16 2.51 -2.18
CA TRP C 150 -12.53 2.47 -0.78
C TRP C 150 -13.86 3.16 -0.53
N ILE C 151 -14.01 4.40 -1.01
CA ILE C 151 -15.28 5.10 -0.80
C ILE C 151 -16.40 4.35 -1.52
N GLU C 152 -16.12 3.91 -2.75
CA GLU C 152 -17.12 3.28 -3.58
C GLU C 152 -17.64 1.96 -3.03
N GLU C 153 -16.89 1.27 -2.16
CA GLU C 153 -17.51 0.07 -1.63
C GLU C 153 -18.67 0.39 -0.68
N LYS C 154 -18.74 1.59 -0.11
CA LYS C 154 -19.87 1.93 0.74
C LYS C 154 -20.82 2.99 0.17
N VAL C 155 -20.53 3.56 -1.01
CA VAL C 155 -21.31 4.66 -1.59
C VAL C 155 -21.61 4.35 -3.05
N ASP C 156 -22.88 4.53 -3.45
CA ASP C 156 -23.29 4.40 -4.85
C ASP C 156 -22.93 5.67 -5.63
N TYR C 157 -22.04 5.56 -6.61
CA TYR C 157 -21.63 6.73 -7.37
C TYR C 157 -22.61 7.06 -8.46
N ALA C 158 -22.97 8.33 -8.56
CA ALA C 158 -23.69 8.82 -9.73
C ALA C 158 -22.84 8.48 -10.95
N PHE C 159 -23.24 7.43 -11.65
CA PHE C 159 -22.47 6.90 -12.77
C PHE C 159 -23.41 6.25 -13.78
N ASN C 160 -23.11 6.40 -15.07
CA ASN C 160 -23.80 5.61 -16.09
C ASN C 160 -22.88 5.44 -17.30
N GLU C 161 -23.04 4.31 -18.01
CA GLU C 161 -21.95 3.83 -18.86
C GLU C 161 -21.77 4.65 -20.12
N GLN C 162 -22.79 5.38 -20.54
CA GLN C 162 -22.62 6.28 -21.67
C GLN C 162 -21.63 7.40 -21.33
N ARG C 163 -21.87 8.09 -20.21
CA ARG C 163 -21.18 9.33 -19.89
C ARG C 163 -20.16 9.21 -18.76
N GLY C 164 -20.20 8.15 -17.95
CA GLY C 164 -19.22 8.01 -16.89
C GLY C 164 -19.66 8.49 -15.53
N TYR C 165 -18.74 9.10 -14.78
CA TYR C 165 -19.08 9.57 -13.45
C TYR C 165 -19.80 10.91 -13.55
N LEU C 166 -20.98 11.03 -12.97
CA LEU C 166 -21.78 12.23 -13.17
C LEU C 166 -21.43 13.32 -12.15
N THR C 167 -21.07 14.49 -12.66
CA THR C 167 -20.52 15.57 -11.86
C THR C 167 -21.36 16.83 -12.04
N SER C 168 -21.23 17.78 -11.11
CA SER C 168 -22.06 18.99 -11.18
C SER C 168 -21.84 19.75 -12.48
N CYS C 169 -20.54 20.04 -12.85
CA CYS C 169 -20.21 20.79 -14.06
C CYS C 169 -19.93 19.85 -15.21
N PRO C 170 -20.26 20.27 -16.43
CA PRO C 170 -20.05 19.40 -17.59
C PRO C 170 -18.60 19.27 -18.02
N THR C 171 -17.72 20.16 -17.60
CA THR C 171 -16.32 19.96 -17.93
C THR C 171 -15.63 18.91 -17.06
N ASN C 172 -16.36 18.27 -16.14
CA ASN C 172 -15.82 17.21 -15.29
C ASN C 172 -16.33 15.82 -15.65
N VAL C 173 -17.09 15.66 -16.74
CA VAL C 173 -18.12 14.64 -16.78
C VAL C 173 -17.56 13.23 -16.84
N GLY C 174 -16.56 12.96 -17.67
CA GLY C 174 -16.45 11.53 -17.92
C GLY C 174 -15.71 10.72 -16.87
N THR C 175 -14.42 11.00 -16.87
CA THR C 175 -13.41 10.43 -16.02
C THR C 175 -13.43 11.07 -14.65
N GLY C 176 -13.95 12.29 -14.55
CA GLY C 176 -14.05 13.02 -13.30
C GLY C 176 -12.68 13.34 -12.73
N LEU C 177 -11.67 13.36 -13.59
CA LEU C 177 -10.28 13.39 -13.16
C LEU C 177 -9.59 14.62 -13.71
N ARG C 178 -9.10 15.45 -12.83
CA ARG C 178 -8.18 16.51 -13.23
C ARG C 178 -6.82 16.16 -12.67
N ALA C 179 -5.83 16.05 -13.55
CA ALA C 179 -4.46 15.72 -13.21
C ALA C 179 -3.59 16.91 -13.56
N SER C 180 -2.68 17.25 -12.67
CA SER C 180 -1.92 18.48 -12.79
C SER C 180 -0.51 18.20 -12.36
N VAL C 181 0.44 18.90 -12.95
CA VAL C 181 1.82 18.92 -12.47
C VAL C 181 2.28 20.37 -12.40
N MSE C 182 3.02 20.67 -11.34
CA MSE C 182 3.52 21.98 -10.99
C MSE C 182 5.02 22.03 -11.25
O MSE C 182 5.75 21.22 -10.73
CB MSE C 182 3.27 22.23 -9.52
CG MSE C 182 3.58 23.60 -9.05
SE MSE C 182 2.09 24.82 -9.35
CE MSE C 182 2.28 25.84 -7.70
N MSE C 183 5.48 22.97 -12.07
CA MSE C 183 6.88 22.97 -12.50
C MSE C 183 7.53 24.29 -12.35
O MSE C 183 6.86 25.34 -12.44
CB MSE C 183 7.00 22.60 -13.97
CG MSE C 183 6.31 21.35 -14.30
SE MSE C 183 7.22 20.54 -15.75
CE MSE C 183 6.10 19.01 -15.68
N HIS C 184 8.84 24.27 -12.18
CA HIS C 184 9.60 25.50 -12.02
C HIS C 184 10.65 25.49 -13.12
N LEU C 185 10.48 26.37 -14.10
CA LEU C 185 11.27 26.33 -15.33
C LEU C 185 11.92 27.69 -15.59
N PRO C 186 12.88 28.10 -14.76
CA PRO C 186 13.55 29.38 -15.00
C PRO C 186 14.47 29.36 -16.20
N ALA C 187 15.07 28.21 -16.52
CA ALA C 187 15.99 28.14 -17.65
C ALA C 187 15.25 28.17 -18.97
N LEU C 188 14.10 27.50 -19.07
CA LEU C 188 13.35 27.52 -20.32
C LEU C 188 12.84 28.92 -20.63
N VAL C 189 12.28 29.62 -19.65
CA VAL C 189 11.86 30.99 -19.91
C VAL C 189 13.07 31.87 -20.15
N LEU C 190 14.18 31.57 -19.48
CA LEU C 190 15.39 32.39 -19.63
C LEU C 190 15.93 32.35 -21.05
N THR C 191 15.75 31.22 -21.75
CA THR C 191 16.22 31.08 -23.12
C THR C 191 15.09 31.26 -24.14
N ARG C 192 13.95 31.82 -23.73
CA ARG C 192 12.81 32.11 -24.59
C ARG C 192 12.23 30.86 -25.25
N GLN C 193 12.78 29.67 -24.95
CA GLN C 193 12.15 28.42 -25.34
C GLN C 193 10.67 28.42 -24.93
N ILE C 194 10.38 28.91 -23.73
CA ILE C 194 9.05 28.83 -23.13
C ILE C 194 7.97 29.26 -24.10
N ASN C 195 8.21 30.34 -24.84
CA ASN C 195 7.23 30.81 -25.83
C ASN C 195 6.79 29.67 -26.72
N ARG C 196 7.69 29.15 -27.55
CA ARG C 196 7.28 28.12 -28.50
C ARG C 196 6.81 26.86 -27.80
N ILE C 197 7.16 26.64 -26.54
CA ILE C 197 6.72 25.41 -25.92
C ILE C 197 5.24 25.50 -25.55
N ILE C 198 4.72 26.68 -25.25
CA ILE C 198 3.37 26.71 -24.66
C ILE C 198 2.28 26.50 -25.71
N PRO C 199 2.35 27.15 -26.88
CA PRO C 199 1.45 26.75 -27.97
C PRO C 199 1.53 25.28 -28.33
N ALA C 200 2.75 24.74 -28.44
CA ALA C 200 2.91 23.31 -28.69
C ALA C 200 2.09 22.48 -27.70
N ILE C 201 2.37 22.66 -26.40
CA ILE C 201 1.64 21.96 -25.34
C ILE C 201 0.14 22.10 -25.52
N ASN C 202 -0.31 23.27 -25.96
CA ASN C 202 -1.74 23.50 -26.01
C ASN C 202 -2.43 22.57 -27.02
N GLN C 203 -1.78 22.31 -28.15
CA GLN C 203 -2.36 21.45 -29.15
C GLN C 203 -2.29 19.97 -28.77
N LEU C 204 -1.46 19.63 -27.80
CA LEU C 204 -1.46 18.29 -27.24
C LEU C 204 -2.59 18.09 -26.25
N GLY C 205 -3.52 19.04 -26.15
CA GLY C 205 -4.66 18.85 -25.27
C GLY C 205 -4.36 18.97 -23.79
N LEU C 206 -3.28 19.69 -23.46
CA LEU C 206 -2.95 20.08 -22.10
C LEU C 206 -3.11 21.58 -21.94
N VAL C 207 -3.66 22.02 -20.82
CA VAL C 207 -3.73 23.45 -20.57
C VAL C 207 -2.58 23.85 -19.67
N VAL C 208 -1.88 24.93 -20.04
CA VAL C 208 -0.84 25.56 -19.23
C VAL C 208 -1.44 26.79 -18.58
N ARG C 209 -1.27 26.90 -17.28
CA ARG C 209 -1.74 28.06 -16.54
C ARG C 209 -0.54 28.57 -15.75
N GLY C 210 -0.13 29.79 -16.05
CA GLY C 210 0.97 30.38 -15.31
C GLY C 210 0.48 30.85 -13.94
N ILE C 211 1.36 30.73 -12.95
CA ILE C 211 1.09 31.32 -11.65
C ILE C 211 1.71 32.70 -11.54
N GLY C 220 7.67 33.00 -9.20
CA GLY C 220 7.81 33.89 -10.33
C GLY C 220 7.96 33.16 -11.65
N ASN C 221 8.28 31.87 -11.57
CA ASN C 221 8.53 31.05 -12.75
C ASN C 221 7.73 29.75 -12.74
N ILE C 222 6.61 29.72 -12.03
CA ILE C 222 5.88 28.48 -11.80
C ILE C 222 4.83 28.32 -12.87
N PHE C 223 4.87 27.18 -13.57
CA PHE C 223 3.87 26.83 -14.55
C PHE C 223 3.10 25.60 -14.09
N GLN C 224 1.83 25.51 -14.47
CA GLN C 224 0.99 24.39 -14.06
C GLN C 224 0.33 23.77 -15.28
N ILE C 225 0.69 22.49 -15.57
CA ILE C 225 0.14 21.74 -16.69
C ILE C 225 -0.98 20.86 -16.19
N SER C 226 -2.06 20.78 -16.95
CA SER C 226 -3.20 19.98 -16.52
C SER C 226 -3.87 19.43 -17.76
N ASN C 227 -4.85 18.55 -17.56
CA ASN C 227 -5.55 17.97 -18.69
C ASN C 227 -6.77 18.79 -19.05
N GLN C 228 -7.02 18.93 -20.35
CA GLN C 228 -8.06 19.78 -20.91
C GLN C 228 -9.44 19.17 -20.80
N ILE C 229 -9.54 17.86 -20.96
CA ILE C 229 -10.83 17.19 -21.11
C ILE C 229 -10.88 15.96 -20.21
N THR C 230 -12.07 15.67 -19.72
CA THR C 230 -12.29 14.52 -18.88
C THR C 230 -13.16 13.44 -19.53
N LEU C 231 -13.83 13.75 -20.64
CA LEU C 231 -14.68 12.80 -21.35
C LEU C 231 -14.05 12.36 -22.66
N GLY C 232 -14.09 11.06 -22.92
CA GLY C 232 -13.56 10.51 -24.15
C GLY C 232 -12.29 9.71 -23.98
N LYS C 233 -11.58 9.90 -22.88
CA LYS C 233 -10.33 9.19 -22.64
C LYS C 233 -10.47 8.36 -21.38
N SER C 234 -9.48 7.50 -21.18
CA SER C 234 -9.27 6.80 -19.92
C SER C 234 -8.27 7.54 -19.05
N GLU C 235 -8.36 7.27 -17.74
CA GLU C 235 -7.47 7.91 -16.78
C GLU C 235 -6.02 7.54 -17.07
N GLN C 236 -5.78 6.28 -17.42
CA GLN C 236 -4.44 5.83 -17.78
C GLN C 236 -3.85 6.74 -18.84
N ASP C 237 -4.61 6.96 -19.92
CA ASP C 237 -4.12 7.77 -21.01
C ASP C 237 -3.80 9.17 -20.52
N ILE C 238 -4.82 9.94 -20.13
CA ILE C 238 -4.67 11.24 -19.48
C ILE C 238 -3.37 11.36 -18.70
N VAL C 239 -3.20 10.49 -17.69
CA VAL C 239 -2.07 10.66 -16.79
C VAL C 239 -0.76 10.38 -17.50
N GLU C 240 -0.71 9.41 -18.43
CA GLU C 240 0.56 9.15 -19.12
C GLU C 240 0.89 10.23 -20.17
N ASP C 241 -0.13 10.79 -20.85
CA ASP C 241 0.09 11.94 -21.72
C ASP C 241 0.69 13.11 -20.94
N LEU C 242 0.09 13.40 -19.79
CA LEU C 242 0.64 14.42 -18.90
C LEU C 242 2.06 14.07 -18.47
N ASN C 243 2.27 12.81 -18.06
CA ASN C 243 3.58 12.38 -17.58
C ASN C 243 4.65 12.54 -18.65
N SER C 244 4.36 12.17 -19.90
CA SER C 244 5.39 12.21 -20.91
C SER C 244 5.72 13.64 -21.31
N VAL C 245 4.68 14.50 -21.47
CA VAL C 245 4.98 15.91 -21.73
C VAL C 245 5.80 16.50 -20.58
N ALA C 246 5.43 16.14 -19.34
CA ALA C 246 6.20 16.55 -18.17
C ALA C 246 7.67 16.17 -18.28
N ALA C 247 7.94 14.88 -18.52
CA ALA C 247 9.31 14.36 -18.57
C ALA C 247 10.13 15.00 -19.68
N GLN C 248 9.48 15.32 -20.82
CA GLN C 248 10.21 16.05 -21.85
C GLN C 248 10.59 17.44 -21.39
N LEU C 249 9.66 18.11 -20.70
CA LEU C 249 10.00 19.43 -20.16
C LEU C 249 11.14 19.35 -19.16
N ILE C 250 11.14 18.32 -18.30
CA ILE C 250 12.23 18.15 -17.34
C ILE C 250 13.56 18.02 -18.06
N GLU C 251 13.65 17.12 -19.05
CA GLU C 251 14.94 16.95 -19.72
C GLU C 251 15.39 18.26 -20.36
N GLN C 252 14.48 19.00 -20.99
CA GLN C 252 14.87 20.26 -21.62
C GLN C 252 15.27 21.30 -20.59
N GLU C 253 14.62 21.31 -19.44
CA GLU C 253 14.94 22.31 -18.44
C GLU C 253 16.29 22.06 -17.80
N ARG C 254 16.62 20.81 -17.47
CA ARG C 254 17.97 20.59 -16.94
C ARG C 254 19.04 20.73 -18.03
N SER C 255 18.72 20.39 -19.29
CA SER C 255 19.64 20.70 -20.38
C SER C 255 19.91 22.21 -20.48
N ALA C 256 18.87 23.03 -20.33
CA ALA C 256 19.06 24.48 -20.38
C ALA C 256 19.72 25.03 -19.12
N ARG C 257 19.55 24.35 -17.97
CA ARG C 257 20.23 24.76 -16.75
C ARG C 257 21.72 24.47 -16.81
N GLU C 258 22.09 23.32 -17.38
CA GLU C 258 23.50 23.03 -17.59
C GLU C 258 24.08 23.93 -18.69
N ALA C 259 23.27 24.30 -19.67
CA ALA C 259 23.72 25.30 -20.64
C ALA C 259 24.11 26.60 -19.93
N ILE C 260 23.29 27.06 -18.99
CA ILE C 260 23.63 28.21 -18.15
C ILE C 260 24.36 27.73 -16.88
N ILE D 80 -38.56 21.44 -23.07
CA ILE D 80 -39.75 21.61 -22.23
C ILE D 80 -40.07 20.34 -21.45
N SER D 81 -39.21 20.02 -20.49
CA SER D 81 -39.45 18.92 -19.58
C SER D 81 -38.48 19.09 -18.41
N ALA D 82 -38.96 18.87 -17.19
CA ALA D 82 -38.12 19.02 -16.02
C ALA D 82 -37.56 17.66 -15.59
N CYS D 83 -36.54 17.73 -14.75
CA CYS D 83 -35.99 16.51 -14.19
C CYS D 83 -36.93 15.97 -13.11
N PRO D 84 -37.15 14.66 -13.07
CA PRO D 84 -38.16 14.12 -12.14
C PRO D 84 -37.78 14.21 -10.68
N LYS D 85 -36.50 14.09 -10.30
CA LYS D 85 -36.13 14.22 -8.89
C LYS D 85 -35.50 15.58 -8.57
N CYS D 86 -35.07 16.32 -9.59
CA CYS D 86 -34.56 17.67 -9.43
C CYS D 86 -35.66 18.71 -9.40
N GLY D 87 -36.54 18.68 -10.40
CA GLY D 87 -37.35 19.81 -10.77
C GLY D 87 -36.73 20.68 -11.84
N MET D 88 -35.42 20.56 -12.04
CA MET D 88 -34.72 21.45 -12.94
C MET D 88 -35.24 21.37 -14.37
N THR D 89 -35.57 22.50 -14.94
CA THR D 89 -35.91 22.61 -16.34
C THR D 89 -34.62 22.80 -17.15
N PHE D 90 -34.65 22.36 -18.40
CA PHE D 90 -33.45 22.55 -19.23
C PHE D 90 -33.08 24.04 -19.36
N GLN D 91 -34.07 24.93 -19.27
CA GLN D 91 -33.76 26.36 -19.35
C GLN D 91 -32.97 26.81 -18.12
N GLN D 92 -33.42 26.37 -16.95
CA GLN D 92 -32.61 26.60 -15.75
C GLN D 92 -31.19 26.15 -15.98
N PHE D 93 -31.02 24.88 -16.36
CA PHE D 93 -29.67 24.37 -16.60
C PHE D 93 -28.89 25.26 -17.54
N ARG D 94 -29.56 25.76 -18.59
CA ARG D 94 -28.89 26.62 -19.55
C ARG D 94 -28.35 27.87 -18.87
N LYS D 95 -29.11 28.43 -17.91
CA LYS D 95 -28.65 29.63 -17.20
C LYS D 95 -27.60 29.33 -16.14
N ILE D 96 -27.78 28.23 -15.40
CA ILE D 96 -26.97 27.93 -14.22
C ILE D 96 -25.66 27.25 -14.61
N GLY D 97 -25.70 26.39 -15.63
CA GLY D 97 -24.51 25.69 -16.10
C GLY D 97 -24.14 24.48 -15.29
N ARG D 98 -25.01 24.02 -14.39
CA ARG D 98 -24.74 22.86 -13.57
C ARG D 98 -25.99 22.00 -13.44
N PHE D 99 -25.80 20.70 -13.45
CA PHE D 99 -26.75 19.82 -12.81
C PHE D 99 -26.57 19.96 -11.31
N GLY D 100 -27.63 19.71 -10.54
CA GLY D 100 -28.83 19.07 -10.96
C GLY D 100 -28.81 17.89 -10.02
N CYS D 101 -28.50 16.74 -10.61
CA CYS D 101 -28.50 15.42 -9.99
C CYS D 101 -28.34 14.38 -11.08
N SER D 102 -27.92 13.16 -10.71
CA SER D 102 -27.80 12.01 -11.60
C SER D 102 -28.89 11.97 -12.67
N GLU D 103 -30.11 12.35 -12.27
CA GLU D 103 -31.26 12.18 -13.12
C GLU D 103 -31.25 13.15 -14.32
N CYS D 104 -30.87 14.42 -14.11
CA CYS D 104 -30.83 15.42 -15.18
C CYS D 104 -30.08 14.92 -16.41
N TYR D 105 -29.08 14.08 -16.21
CA TYR D 105 -28.30 13.56 -17.32
C TYR D 105 -29.17 12.76 -18.26
N LYS D 106 -30.04 11.92 -17.70
CA LYS D 106 -31.00 11.19 -18.53
C LYS D 106 -32.06 12.15 -19.06
N THR D 107 -32.58 13.00 -18.19
CA THR D 107 -33.68 13.88 -18.57
C THR D 107 -33.31 14.77 -19.76
N PHE D 108 -32.06 15.24 -19.83
CA PHE D 108 -31.61 16.11 -20.92
C PHE D 108 -30.59 15.44 -21.83
N HIS D 109 -30.52 14.09 -21.86
CA HIS D 109 -29.49 13.37 -22.62
C HIS D 109 -29.21 13.98 -23.99
N SER D 110 -30.28 14.14 -24.78
CA SER D 110 -30.17 14.65 -26.13
C SER D 110 -29.56 16.06 -26.15
N ASN D 111 -30.01 16.93 -25.25
CA ASN D 111 -29.53 18.32 -25.26
C ASN D 111 -28.08 18.43 -24.84
N ILE D 112 -27.65 17.57 -23.91
CA ILE D 112 -26.30 17.66 -23.37
C ILE D 112 -25.24 17.40 -24.43
N THR D 113 -25.45 16.38 -25.27
CA THR D 113 -24.42 15.88 -26.17
C THR D 113 -23.70 16.95 -26.99
N PRO D 114 -24.37 17.95 -27.57
CA PRO D 114 -23.61 19.05 -28.21
C PRO D 114 -22.71 19.83 -27.27
N ILE D 115 -23.15 20.07 -26.03
CA ILE D 115 -22.30 20.75 -25.05
C ILE D 115 -21.05 19.94 -24.77
N LEU D 116 -21.23 18.64 -24.51
CA LEU D 116 -20.08 17.77 -24.27
C LEU D 116 -19.15 17.76 -25.47
N ARG D 117 -19.69 17.68 -26.67
CA ARG D 117 -18.83 17.76 -27.84
C ARG D 117 -17.98 19.02 -27.77
N LYS D 118 -18.61 20.15 -27.45
CA LYS D 118 -17.86 21.40 -27.42
C LYS D 118 -16.74 21.34 -26.38
N VAL D 119 -17.05 20.85 -25.18
CA VAL D 119 -16.09 20.91 -24.08
C VAL D 119 -14.92 19.94 -24.29
N HIS D 120 -15.22 18.71 -24.69
CA HIS D 120 -14.26 17.62 -24.64
C HIS D 120 -13.66 17.26 -25.99
N SER D 121 -13.41 18.27 -26.83
CA SER D 121 -12.78 18.05 -28.14
C SER D 121 -13.52 17.01 -28.97
N GLY D 122 -14.85 17.12 -29.01
CA GLY D 122 -15.68 16.22 -29.79
C GLY D 122 -16.03 14.93 -29.11
N ASN D 123 -15.39 14.58 -27.99
CA ASN D 123 -15.72 13.33 -27.34
C ASN D 123 -17.09 13.43 -26.65
N THR D 124 -17.74 12.29 -26.47
CA THR D 124 -19.08 12.28 -25.88
C THR D 124 -19.35 11.05 -25.04
N VAL D 125 -18.45 10.07 -25.00
CA VAL D 125 -18.71 8.76 -24.42
C VAL D 125 -17.57 8.39 -23.48
N HIS D 126 -17.92 7.90 -22.30
CA HIS D 126 -16.93 7.49 -21.31
C HIS D 126 -16.10 6.33 -21.84
N ALA D 127 -14.78 6.49 -21.81
CA ALA D 127 -13.84 5.47 -22.27
C ALA D 127 -12.79 5.17 -21.19
N GLY D 128 -13.22 4.99 -19.95
CA GLY D 128 -12.30 4.91 -18.81
C GLY D 128 -12.90 4.11 -17.68
N LYS D 129 -12.39 4.32 -16.46
CA LYS D 129 -12.70 3.49 -15.31
C LYS D 129 -14.20 3.28 -15.11
N ILE D 130 -14.54 2.15 -14.49
CA ILE D 130 -15.90 1.80 -14.09
C ILE D 130 -15.86 1.44 -12.61
N PRO D 131 -16.88 1.75 -11.82
CA PRO D 131 -16.83 1.43 -10.38
C PRO D 131 -16.57 -0.05 -10.13
N LYS D 132 -15.68 -0.35 -9.18
CA LYS D 132 -15.31 -1.74 -8.95
C LYS D 132 -16.50 -2.55 -8.46
N ARG D 133 -17.34 -1.96 -7.61
CA ARG D 133 -18.42 -2.72 -6.94
C ARG D 133 -19.68 -2.78 -7.80
N ILE D 134 -20.34 -1.63 -7.98
CA ILE D 134 -21.64 -1.64 -8.66
C ILE D 134 -21.48 -1.91 -10.14
N GLY D 135 -20.40 -1.42 -10.75
CA GLY D 135 -20.11 -1.80 -12.11
C GLY D 135 -19.74 -3.27 -12.24
N GLY D 136 -18.93 -3.78 -11.32
CA GLY D 136 -18.58 -5.19 -11.32
C GLY D 136 -19.80 -6.09 -11.27
N ASN D 137 -20.72 -5.81 -10.34
CA ASN D 137 -21.95 -6.60 -10.22
C ASN D 137 -22.88 -6.41 -11.40
N LEU D 138 -22.87 -5.25 -12.06
CA LEU D 138 -23.64 -5.12 -13.29
C LEU D 138 -23.06 -6.01 -14.40
N HIS D 139 -21.74 -5.97 -14.57
CA HIS D 139 -21.09 -6.84 -15.55
C HIS D 139 -21.38 -8.32 -15.24
N VAL D 140 -21.36 -8.70 -13.96
CA VAL D 140 -21.59 -10.10 -13.58
C VAL D 140 -23.02 -10.52 -13.88
N ARG D 141 -24.01 -9.68 -13.54
CA ARG D 141 -25.39 -9.98 -13.90
C ARG D 141 -25.55 -10.09 -15.42
N ARG D 142 -24.84 -9.22 -16.16
CA ARG D 142 -24.85 -9.28 -17.63
C ARG D 142 -24.34 -10.63 -18.12
N GLN D 143 -23.22 -11.09 -17.56
CA GLN D 143 -22.65 -12.36 -18.00
C GLN D 143 -23.51 -13.53 -17.60
N ILE D 144 -24.17 -13.45 -16.43
CA ILE D 144 -25.09 -14.52 -16.04
C ILE D 144 -26.20 -14.65 -17.06
N ASP D 145 -26.82 -13.54 -17.46
CA ASP D 145 -27.95 -13.66 -18.38
C ASP D 145 -27.49 -14.04 -19.79
N MET D 146 -26.34 -13.49 -20.22
CA MET D 146 -25.74 -13.96 -21.46
C MET D 146 -25.56 -15.49 -21.42
N LEU D 147 -25.14 -16.03 -20.28
CA LEU D 147 -24.88 -17.46 -20.18
C LEU D 147 -26.16 -18.29 -20.00
N LYS D 148 -27.24 -17.71 -19.46
CA LYS D 148 -28.50 -18.44 -19.42
C LYS D 148 -29.07 -18.61 -20.83
N LYS D 149 -29.00 -17.54 -21.64
CA LYS D 149 -29.31 -17.67 -23.06
C LYS D 149 -28.44 -18.75 -23.72
N GLU D 150 -27.13 -18.70 -23.45
CA GLU D 150 -26.24 -19.71 -24.03
C GLU D 150 -26.65 -21.12 -23.59
N LEU D 151 -26.96 -21.30 -22.30
CA LEU D 151 -27.43 -22.59 -21.79
C LEU D 151 -28.59 -23.11 -22.61
N GLU D 152 -29.60 -22.25 -22.85
CA GLU D 152 -30.75 -22.67 -23.66
C GLU D 152 -30.32 -23.17 -25.03
N SER D 153 -29.42 -22.44 -25.69
CA SER D 153 -28.93 -22.90 -27.00
C SER D 153 -28.20 -24.24 -26.90
N LEU D 154 -27.40 -24.44 -25.85
CA LEU D 154 -26.68 -25.71 -25.70
C LEU D 154 -27.64 -26.86 -25.46
N ILE D 155 -28.69 -26.64 -24.67
CA ILE D 155 -29.68 -27.67 -24.45
C ILE D 155 -30.38 -28.03 -25.75
N HIS D 156 -30.63 -27.05 -26.62
CA HIS D 156 -31.34 -27.40 -27.85
C HIS D 156 -30.46 -28.25 -28.77
N GLN D 157 -29.19 -27.93 -28.89
CA GLN D 157 -28.34 -28.76 -29.75
C GLN D 157 -27.97 -30.10 -29.13
N GLU D 158 -28.41 -30.38 -27.91
CA GLU D 158 -28.05 -31.61 -27.22
C GLU D 158 -26.54 -31.73 -27.02
N GLU D 159 -25.89 -30.61 -26.67
CA GLU D 159 -24.46 -30.58 -26.38
C GLU D 159 -24.25 -30.55 -24.86
N PHE D 160 -24.51 -31.69 -24.22
CA PHE D 160 -24.83 -31.64 -22.81
C PHE D 160 -23.60 -31.53 -21.91
N GLU D 161 -22.45 -32.02 -22.34
CA GLU D 161 -21.22 -31.77 -21.58
C GLU D 161 -20.96 -30.27 -21.47
N ASN D 162 -21.08 -29.56 -22.59
CA ASN D 162 -20.82 -28.13 -22.56
C ASN D 162 -21.90 -27.41 -21.79
N ALA D 163 -23.15 -27.87 -21.87
CA ALA D 163 -24.20 -27.25 -21.06
C ALA D 163 -23.96 -27.49 -19.57
N ALA D 164 -23.36 -28.63 -19.22
CA ALA D 164 -22.96 -28.83 -17.83
C ALA D 164 -21.90 -27.83 -17.42
N HIS D 165 -20.88 -27.63 -18.27
CA HIS D 165 -19.83 -26.66 -17.99
C HIS D 165 -20.41 -25.24 -17.77
N VAL D 166 -21.29 -24.82 -18.69
CA VAL D 166 -21.91 -23.49 -18.61
C VAL D 166 -22.83 -23.37 -17.40
N ARG D 167 -23.49 -24.45 -17.01
CA ARG D 167 -24.27 -24.45 -15.77
C ARG D 167 -23.38 -24.24 -14.56
N ASP D 168 -22.20 -24.85 -14.57
CA ASP D 168 -21.26 -24.60 -13.49
C ASP D 168 -20.85 -23.13 -13.44
N GLN D 169 -20.59 -22.51 -14.61
CA GLN D 169 -20.24 -21.08 -14.64
C GLN D 169 -21.35 -20.20 -14.06
N ILE D 170 -22.60 -20.42 -14.50
CA ILE D 170 -23.70 -19.64 -13.96
C ILE D 170 -23.76 -19.79 -12.44
N ARG D 171 -23.54 -21.02 -11.92
CA ARG D 171 -23.62 -21.20 -10.48
C ARG D 171 -22.48 -20.48 -9.75
N LEU D 172 -21.27 -20.51 -10.31
CA LEU D 172 -20.17 -19.73 -9.74
C LEU D 172 -20.55 -18.26 -9.63
N LEU D 173 -21.08 -17.68 -10.70
CA LEU D 173 -21.35 -16.24 -10.69
C LEU D 173 -22.47 -15.88 -9.71
N GLU D 174 -23.49 -16.74 -9.62
CA GLU D 174 -24.51 -16.53 -8.59
C GLU D 174 -23.93 -16.67 -7.18
N GLN D 175 -22.88 -17.48 -7.02
CA GLN D 175 -22.16 -17.51 -5.75
C GLN D 175 -21.31 -16.26 -5.55
N SER D 176 -20.92 -15.62 -6.65
CA SER D 176 -20.23 -14.33 -6.55
C SER D 176 -21.16 -13.27 -5.97
N LEU D 177 -22.40 -13.25 -6.44
CA LEU D 177 -23.34 -12.19 -6.03
C LEU D 177 -24.00 -12.44 -4.67
N LYS D 178 -23.70 -13.54 -3.97
CA LYS D 178 -24.22 -13.74 -2.61
C LYS D 178 -23.49 -12.81 -1.64
ZN ZN E . 10.86 -27.49 20.82
ZN ZN F . -32.09 16.60 -11.63
#